data_126D
# 
_entry.id   126D 
# 
_audit_conform.dict_name       mmcif_pdbx.dic 
_audit_conform.dict_version    5.385 
_audit_conform.dict_location   http://mmcif.pdb.org/dictionaries/ascii/mmcif_pdbx.dic 
# 
loop_
_database_2.database_id 
_database_2.database_code 
_database_2.pdbx_database_accession 
_database_2.pdbx_DOI 
PDB   126D         pdb_0000126d 10.2210/pdb126d/pdb 
RCSB  BDJ051       ?            ?                   
WWPDB D_1000170061 ?            ?                   
# 
loop_
_pdbx_audit_revision_history.ordinal 
_pdbx_audit_revision_history.data_content_type 
_pdbx_audit_revision_history.major_revision 
_pdbx_audit_revision_history.minor_revision 
_pdbx_audit_revision_history.revision_date 
1 'Structure model' 1 0 1993-10-15 
2 'Structure model' 1 1 2008-05-22 
3 'Structure model' 1 2 2011-07-13 
4 'Structure model' 1 3 2024-02-07 
# 
_pdbx_audit_revision_details.ordinal             1 
_pdbx_audit_revision_details.revision_ordinal    1 
_pdbx_audit_revision_details.data_content_type   'Structure model' 
_pdbx_audit_revision_details.provider            repository 
_pdbx_audit_revision_details.type                'Initial release' 
_pdbx_audit_revision_details.description         ? 
_pdbx_audit_revision_details.details             ? 
# 
loop_
_pdbx_audit_revision_group.ordinal 
_pdbx_audit_revision_group.revision_ordinal 
_pdbx_audit_revision_group.data_content_type 
_pdbx_audit_revision_group.group 
1 2 'Structure model' 'Version format compliance' 
2 3 'Structure model' 'Version format compliance' 
3 4 'Structure model' 'Data collection'           
4 4 'Structure model' 'Database references'       
# 
loop_
_pdbx_audit_revision_category.ordinal 
_pdbx_audit_revision_category.revision_ordinal 
_pdbx_audit_revision_category.data_content_type 
_pdbx_audit_revision_category.category 
1 4 'Structure model' chem_comp_atom 
2 4 'Structure model' chem_comp_bond 
3 4 'Structure model' database_2     
# 
loop_
_pdbx_audit_revision_item.ordinal 
_pdbx_audit_revision_item.revision_ordinal 
_pdbx_audit_revision_item.data_content_type 
_pdbx_audit_revision_item.item 
1 4 'Structure model' '_database_2.pdbx_DOI'                
2 4 'Structure model' '_database_2.pdbx_database_accession' 
# 
_pdbx_database_status.status_code                     REL 
_pdbx_database_status.entry_id                        126D 
_pdbx_database_status.recvd_initial_deposition_date   1993-06-14 
_pdbx_database_status.deposit_site                    BNL 
_pdbx_database_status.process_site                    NDB 
_pdbx_database_status.status_code_sf                  REL 
_pdbx_database_status.status_code_mr                  ? 
_pdbx_database_status.SG_entry                        ? 
_pdbx_database_status.pdb_format_compatible           Y 
_pdbx_database_status.status_code_cs                  ? 
_pdbx_database_status.status_code_nmr_data            ? 
_pdbx_database_status.methods_development_category    ? 
# 
loop_
_audit_author.name 
_audit_author.pdbx_ordinal 
'Goodsell, D.S.'  1 
'Kopka, M.L.'     2 
'Cascio, D.'      3 
'Dickerson, R.E.' 4 
# 
_citation.id                        primary 
_citation.title                     'Crystal structure of CATGGCCATG and its implications for A-tract bending models.' 
_citation.journal_abbrev            Proc.Natl.Acad.Sci.USA 
_citation.journal_volume            90 
_citation.page_first                2930 
_citation.page_last                 2934 
_citation.year                      1993 
_citation.journal_id_ASTM           PNASA6 
_citation.country                   US 
_citation.journal_id_ISSN           0027-8424 
_citation.journal_id_CSD            0040 
_citation.book_publisher            ? 
_citation.pdbx_database_id_PubMed   8464909 
_citation.pdbx_database_id_DOI      10.1073/pnas.90.7.2930 
# 
loop_
_citation_author.citation_id 
_citation_author.name 
_citation_author.ordinal 
_citation_author.identifier_ORCID 
primary 'Goodsell, D.S.'  1 ? 
primary 'Kopka, M.L.'     2 ? 
primary 'Cascio, D.'      3 ? 
primary 'Dickerson, R.E.' 4 ? 
# 
loop_
_entity.id 
_entity.type 
_entity.src_method 
_entity.pdbx_description 
_entity.formula_weight 
_entity.pdbx_number_of_molecules 
_entity.pdbx_ec 
_entity.pdbx_mutation 
_entity.pdbx_fragment 
_entity.details 
1 polymer syn 
;DNA (5'-D(*CP*AP*TP*GP*GP*CP*CP*AP*TP*G)-3')
;
3045.004 2  ? ? ? ? 
2 water   nat water                                          18.015   49 ? ? ? ? 
# 
_entity_poly.entity_id                      1 
_entity_poly.type                           polydeoxyribonucleotide 
_entity_poly.nstd_linkage                   no 
_entity_poly.nstd_monomer                   no 
_entity_poly.pdbx_seq_one_letter_code       '(DC)(DA)(DT)(DG)(DG)(DC)(DC)(DA)(DT)(DG)' 
_entity_poly.pdbx_seq_one_letter_code_can   CATGGCCATG 
_entity_poly.pdbx_strand_id                 A,B 
_entity_poly.pdbx_target_identifier         ? 
# 
_pdbx_entity_nonpoly.entity_id   2 
_pdbx_entity_nonpoly.name        water 
_pdbx_entity_nonpoly.comp_id     HOH 
# 
loop_
_entity_poly_seq.entity_id 
_entity_poly_seq.num 
_entity_poly_seq.mon_id 
_entity_poly_seq.hetero 
1 1  DC n 
1 2  DA n 
1 3  DT n 
1 4  DG n 
1 5  DG n 
1 6  DC n 
1 7  DC n 
1 8  DA n 
1 9  DT n 
1 10 DG n 
# 
loop_
_chem_comp.id 
_chem_comp.type 
_chem_comp.mon_nstd_flag 
_chem_comp.name 
_chem_comp.pdbx_synonyms 
_chem_comp.formula 
_chem_comp.formula_weight 
DA  'DNA linking' y "2'-DEOXYADENOSINE-5'-MONOPHOSPHATE" ? 'C10 H14 N5 O6 P' 331.222 
DC  'DNA linking' y "2'-DEOXYCYTIDINE-5'-MONOPHOSPHATE"  ? 'C9 H14 N3 O7 P'  307.197 
DG  'DNA linking' y "2'-DEOXYGUANOSINE-5'-MONOPHOSPHATE" ? 'C10 H14 N5 O7 P' 347.221 
DT  'DNA linking' y "THYMIDINE-5'-MONOPHOSPHATE"         ? 'C10 H15 N2 O8 P' 322.208 
HOH non-polymer   . WATER                                ? 'H2 O'            18.015  
# 
loop_
_pdbx_poly_seq_scheme.asym_id 
_pdbx_poly_seq_scheme.entity_id 
_pdbx_poly_seq_scheme.seq_id 
_pdbx_poly_seq_scheme.mon_id 
_pdbx_poly_seq_scheme.ndb_seq_num 
_pdbx_poly_seq_scheme.pdb_seq_num 
_pdbx_poly_seq_scheme.auth_seq_num 
_pdbx_poly_seq_scheme.pdb_mon_id 
_pdbx_poly_seq_scheme.auth_mon_id 
_pdbx_poly_seq_scheme.pdb_strand_id 
_pdbx_poly_seq_scheme.pdb_ins_code 
_pdbx_poly_seq_scheme.hetero 
A 1 1  DC 1  1  1  DC C A . n 
A 1 2  DA 2  2  2  DA A A . n 
A 1 3  DT 3  3  3  DT T A . n 
A 1 4  DG 4  4  4  DG G A . n 
A 1 5  DG 5  5  5  DG G A . n 
A 1 6  DC 6  6  6  DC C A . n 
A 1 7  DC 7  7  7  DC C A . n 
A 1 8  DA 8  8  8  DA A A . n 
A 1 9  DT 9  9  9  DT T A . n 
A 1 10 DG 10 10 10 DG G A . n 
B 1 1  DC 1  11 11 DC C B . n 
B 1 2  DA 2  12 12 DA A B . n 
B 1 3  DT 3  13 13 DT T B . n 
B 1 4  DG 4  14 14 DG G B . n 
B 1 5  DG 5  15 15 DG G B . n 
B 1 6  DC 6  16 16 DC C B . n 
B 1 7  DC 7  17 17 DC C B . n 
B 1 8  DA 8  18 18 DA A B . n 
B 1 9  DT 9  19 19 DT T B . n 
B 1 10 DG 10 20 20 DG G B . n 
# 
loop_
_pdbx_nonpoly_scheme.asym_id 
_pdbx_nonpoly_scheme.entity_id 
_pdbx_nonpoly_scheme.mon_id 
_pdbx_nonpoly_scheme.ndb_seq_num 
_pdbx_nonpoly_scheme.pdb_seq_num 
_pdbx_nonpoly_scheme.auth_seq_num 
_pdbx_nonpoly_scheme.pdb_mon_id 
_pdbx_nonpoly_scheme.auth_mon_id 
_pdbx_nonpoly_scheme.pdb_strand_id 
_pdbx_nonpoly_scheme.pdb_ins_code 
C 2 HOH 1  21 21 HOH HOH A . 
C 2 HOH 2  22 22 HOH HOH A . 
C 2 HOH 3  23 23 HOH HOH A . 
C 2 HOH 4  24 24 HOH HOH A . 
C 2 HOH 5  31 31 HOH HOH A . 
C 2 HOH 6  37 37 HOH HOH A . 
C 2 HOH 7  38 38 HOH HOH A . 
C 2 HOH 8  39 39 HOH HOH A . 
C 2 HOH 9  40 40 HOH HOH A . 
C 2 HOH 10 41 41 HOH HOH A . 
C 2 HOH 11 43 43 HOH HOH A . 
C 2 HOH 12 45 45 HOH HOH A . 
C 2 HOH 13 48 48 HOH HOH A . 
C 2 HOH 14 49 49 HOH HOH A . 
C 2 HOH 15 52 52 HOH HOH A . 
C 2 HOH 16 53 53 HOH HOH A . 
C 2 HOH 17 56 56 HOH HOH A . 
C 2 HOH 18 59 59 HOH HOH A . 
C 2 HOH 19 61 61 HOH HOH A . 
C 2 HOH 20 62 62 HOH HOH A . 
C 2 HOH 21 65 65 HOH HOH A . 
C 2 HOH 22 67 67 HOH HOH A . 
C 2 HOH 23 68 68 HOH HOH A . 
C 2 HOH 24 69 69 HOH HOH A . 
D 2 HOH 1  25 25 HOH HOH B . 
D 2 HOH 2  26 26 HOH HOH B . 
D 2 HOH 3  27 27 HOH HOH B . 
D 2 HOH 4  28 28 HOH HOH B . 
D 2 HOH 5  29 29 HOH HOH B . 
D 2 HOH 6  30 30 HOH HOH B . 
D 2 HOH 7  32 32 HOH HOH B . 
D 2 HOH 8  33 33 HOH HOH B . 
D 2 HOH 9  34 34 HOH HOH B . 
D 2 HOH 10 35 35 HOH HOH B . 
D 2 HOH 11 36 36 HOH HOH B . 
D 2 HOH 12 42 42 HOH HOH B . 
D 2 HOH 13 44 44 HOH HOH B . 
D 2 HOH 14 46 46 HOH HOH B . 
D 2 HOH 15 47 47 HOH HOH B . 
D 2 HOH 16 50 50 HOH HOH B . 
D 2 HOH 17 51 51 HOH HOH B . 
D 2 HOH 18 54 54 HOH HOH B . 
D 2 HOH 19 55 55 HOH HOH B . 
D 2 HOH 20 57 57 HOH HOH B . 
D 2 HOH 21 58 58 HOH HOH B . 
D 2 HOH 22 60 60 HOH HOH B . 
D 2 HOH 23 63 63 HOH HOH B . 
D 2 HOH 24 64 64 HOH HOH B . 
D 2 HOH 25 66 66 HOH HOH B . 
# 
_software.name             NUCLSQ 
_software.classification   refinement 
_software.version          . 
_software.citation_id      ? 
_software.pdbx_ordinal     1 
# 
_cell.entry_id           126D 
_cell.length_a           36.600 
_cell.length_b           42.490 
_cell.length_c           34.690 
_cell.angle_alpha        90.00 
_cell.angle_beta         90.00 
_cell.angle_gamma        90.00 
_cell.Z_PDB              8 
_cell.pdbx_unique_axis   ? 
# 
_symmetry.entry_id                         126D 
_symmetry.space_group_name_H-M             'P 21 21 21' 
_symmetry.pdbx_full_space_group_name_H-M   ? 
_symmetry.cell_setting                     ? 
_symmetry.Int_Tables_number                19 
# 
_exptl.entry_id          126D 
_exptl.method            'X-RAY DIFFRACTION' 
_exptl.crystals_number   ? 
# 
_exptl_crystal.id                    1 
_exptl_crystal.density_meas          ? 
_exptl_crystal.density_Matthews      2.21 
_exptl_crystal.density_percent_sol   44.46 
_exptl_crystal.description           ? 
# 
_exptl_crystal_grow.crystal_id      1 
_exptl_crystal_grow.method          'VAPOR DIFFUSION, SITTING DROP' 
_exptl_crystal_grow.temp            278.00 
_exptl_crystal_grow.temp_details    ? 
_exptl_crystal_grow.pH              ? 
_exptl_crystal_grow.pdbx_details    'VAPOR DIFFUSION, SITTING DROP, temperature 278.00K' 
_exptl_crystal_grow.pdbx_pH_range   ? 
# 
loop_
_exptl_crystal_grow_comp.crystal_id 
_exptl_crystal_grow_comp.id 
_exptl_crystal_grow_comp.sol_id 
_exptl_crystal_grow_comp.name 
_exptl_crystal_grow_comp.volume 
_exptl_crystal_grow_comp.conc 
_exptl_crystal_grow_comp.details 
1 1 1 WATER        ? ? ? 
1 2 1 MPD          ? ? ? 
1 3 1 CACL2        ? ? ? 
1 4 1 SPERMINE_HCL ? ? ? 
1 5 2 WATER        ? ? ? 
1 6 2 MPD          ? ? ? 
# 
_diffrn.id                     1 
_diffrn.ambient_temp           278.00 
_diffrn.ambient_temp_details   ? 
_diffrn.crystal_id             1 
# 
_diffrn_detector.diffrn_id              1 
_diffrn_detector.detector               'IMAGE PLATE' 
_diffrn_detector.type                   'RIGAKU RAXIS II' 
_diffrn_detector.pdbx_collection_date   ? 
_diffrn_detector.details                ? 
# 
_diffrn_radiation.diffrn_id                        1 
_diffrn_radiation.wavelength_id                    1 
_diffrn_radiation.pdbx_monochromatic_or_laue_m_l   ? 
_diffrn_radiation.monochromator                    ? 
_diffrn_radiation.pdbx_diffrn_protocol             ? 
_diffrn_radiation.pdbx_scattering_type             x-ray 
# 
_diffrn_radiation_wavelength.id           1 
_diffrn_radiation_wavelength.wavelength   . 
_diffrn_radiation_wavelength.wt           1.0 
# 
_diffrn_source.diffrn_id                   1 
_diffrn_source.source                      ? 
_diffrn_source.type                        ? 
_diffrn_source.pdbx_synchrotron_site       ? 
_diffrn_source.pdbx_synchrotron_beamline   ? 
_diffrn_source.pdbx_wavelength             ? 
_diffrn_source.pdbx_wavelength_list        ? 
# 
_reflns.entry_id                     126D 
_reflns.observed_criterion_sigma_I   2.000 
_reflns.observed_criterion_sigma_F   ? 
_reflns.d_resolution_low             ? 
_reflns.d_resolution_high            2.000 
_reflns.number_obs                   3217 
_reflns.number_all                   ? 
_reflns.percent_possible_obs         ? 
_reflns.pdbx_Rmerge_I_obs            ? 
_reflns.pdbx_Rsym_value              ? 
_reflns.pdbx_netI_over_sigmaI        ? 
_reflns.B_iso_Wilson_estimate        ? 
_reflns.pdbx_redundancy              ? 
_reflns.pdbx_diffrn_id               1 
_reflns.pdbx_ordinal                 1 
# 
_refine.entry_id                                 126D 
_refine.ls_number_reflns_obs                     3217 
_refine.ls_number_reflns_all                     ? 
_refine.pdbx_ls_sigma_I                          ? 
_refine.pdbx_ls_sigma_F                          2.000 
_refine.pdbx_data_cutoff_high_absF               ? 
_refine.pdbx_data_cutoff_low_absF                ? 
_refine.pdbx_data_cutoff_high_rms_absF           ? 
_refine.ls_d_res_low                             8.000 
_refine.ls_d_res_high                            2.000 
_refine.ls_percent_reflns_obs                    ? 
_refine.ls_R_factor_obs                          0.1960000 
_refine.ls_R_factor_all                          ? 
_refine.ls_R_factor_R_work                       ? 
_refine.ls_R_factor_R_free                       ? 
_refine.ls_R_factor_R_free_error                 ? 
_refine.ls_R_factor_R_free_error_details         ? 
_refine.ls_percent_reflns_R_free                 ? 
_refine.ls_number_reflns_R_free                  ? 
_refine.ls_number_parameters                     ? 
_refine.ls_number_restraints                     ? 
_refine.occupancy_min                            ? 
_refine.occupancy_max                            ? 
_refine.B_iso_mean                               ? 
_refine.aniso_B[1][1]                            ? 
_refine.aniso_B[2][2]                            ? 
_refine.aniso_B[3][3]                            ? 
_refine.aniso_B[1][2]                            ? 
_refine.aniso_B[1][3]                            ? 
_refine.aniso_B[2][3]                            ? 
_refine.solvent_model_details                    ? 
_refine.solvent_model_param_ksol                 ? 
_refine.solvent_model_param_bsol                 ? 
_refine.pdbx_ls_cross_valid_method               ? 
_refine.details                                  ? 
_refine.pdbx_starting_model                      ? 
_refine.pdbx_method_to_determine_struct          ? 
_refine.pdbx_isotropic_thermal_model             ? 
_refine.pdbx_stereochemistry_target_values       ? 
_refine.pdbx_stereochem_target_val_spec_case     ? 
_refine.pdbx_R_Free_selection_details            ? 
_refine.pdbx_overall_ESU_R                       ? 
_refine.pdbx_overall_ESU_R_Free                  ? 
_refine.overall_SU_ML                            ? 
_refine.overall_SU_B                             ? 
_refine.pdbx_refine_id                           'X-RAY DIFFRACTION' 
_refine.pdbx_diffrn_id                           1 
_refine.pdbx_TLS_residual_ADP_flag               ? 
_refine.correlation_coeff_Fo_to_Fc               ? 
_refine.correlation_coeff_Fo_to_Fc_free          ? 
_refine.pdbx_solvent_vdw_probe_radii             ? 
_refine.pdbx_solvent_ion_probe_radii             ? 
_refine.pdbx_solvent_shrinkage_radii             ? 
_refine.pdbx_overall_phase_error                 ? 
_refine.overall_SU_R_Cruickshank_DPI             ? 
_refine.pdbx_overall_SU_R_free_Cruickshank_DPI   ? 
_refine.pdbx_overall_SU_R_Blow_DPI               ? 
_refine.pdbx_overall_SU_R_free_Blow_DPI          ? 
# 
_refine_hist.pdbx_refine_id                   'X-RAY DIFFRACTION' 
_refine_hist.cycle_id                         LAST 
_refine_hist.pdbx_number_atoms_protein        0 
_refine_hist.pdbx_number_atoms_nucleic_acid   404 
_refine_hist.pdbx_number_atoms_ligand         0 
_refine_hist.number_atoms_solvent             49 
_refine_hist.number_atoms_total               453 
_refine_hist.d_res_high                       2.000 
_refine_hist.d_res_low                        8.000 
# 
_struct.entry_id                  126D 
_struct.title                     'CRYSTAL STRUCTURE OF CATGGCCATG AND ITS IMPLICATIONS FOR A-TRACT BENDING MODELS' 
_struct.pdbx_model_details        ? 
_struct.pdbx_CASP_flag            ? 
_struct.pdbx_model_type_details   ? 
# 
_struct_keywords.entry_id        126D 
_struct_keywords.pdbx_keywords   DNA 
_struct_keywords.text            'B-DNA, DOUBLE HELIX, DNA' 
# 
loop_
_struct_asym.id 
_struct_asym.pdbx_blank_PDB_chainid_flag 
_struct_asym.pdbx_modified 
_struct_asym.entity_id 
_struct_asym.details 
A N N 1 ? 
B N N 1 ? 
C N N 2 ? 
D N N 2 ? 
# 
_struct_ref.id                         1 
_struct_ref.entity_id                  1 
_struct_ref.db_name                    PDB 
_struct_ref.db_code                    126D 
_struct_ref.pdbx_db_accession          126D 
_struct_ref.pdbx_db_isoform            ? 
_struct_ref.pdbx_seq_one_letter_code   ? 
_struct_ref.pdbx_align_begin           ? 
# 
loop_
_struct_ref_seq.align_id 
_struct_ref_seq.ref_id 
_struct_ref_seq.pdbx_PDB_id_code 
_struct_ref_seq.pdbx_strand_id 
_struct_ref_seq.seq_align_beg 
_struct_ref_seq.pdbx_seq_align_beg_ins_code 
_struct_ref_seq.seq_align_end 
_struct_ref_seq.pdbx_seq_align_end_ins_code 
_struct_ref_seq.pdbx_db_accession 
_struct_ref_seq.db_align_beg 
_struct_ref_seq.pdbx_db_align_beg_ins_code 
_struct_ref_seq.db_align_end 
_struct_ref_seq.pdbx_db_align_end_ins_code 
_struct_ref_seq.pdbx_auth_seq_align_beg 
_struct_ref_seq.pdbx_auth_seq_align_end 
1 1 126D A 1 ? 10 ? 126D 1  ? 10 ? 1  10 
2 1 126D B 1 ? 10 ? 126D 11 ? 20 ? 11 20 
# 
_pdbx_struct_assembly.id                   1 
_pdbx_struct_assembly.details              author_defined_assembly 
_pdbx_struct_assembly.method_details       ? 
_pdbx_struct_assembly.oligomeric_details   dimeric 
_pdbx_struct_assembly.oligomeric_count     2 
# 
_pdbx_struct_assembly_gen.assembly_id       1 
_pdbx_struct_assembly_gen.oper_expression   1 
_pdbx_struct_assembly_gen.asym_id_list      A,B,C,D 
# 
_pdbx_struct_oper_list.id                   1 
_pdbx_struct_oper_list.type                 'identity operation' 
_pdbx_struct_oper_list.name                 1_555 
_pdbx_struct_oper_list.symmetry_operation   x,y,z 
_pdbx_struct_oper_list.matrix[1][1]         1.0000000000 
_pdbx_struct_oper_list.matrix[1][2]         0.0000000000 
_pdbx_struct_oper_list.matrix[1][3]         0.0000000000 
_pdbx_struct_oper_list.vector[1]            0.0000000000 
_pdbx_struct_oper_list.matrix[2][1]         0.0000000000 
_pdbx_struct_oper_list.matrix[2][2]         1.0000000000 
_pdbx_struct_oper_list.matrix[2][3]         0.0000000000 
_pdbx_struct_oper_list.vector[2]            0.0000000000 
_pdbx_struct_oper_list.matrix[3][1]         0.0000000000 
_pdbx_struct_oper_list.matrix[3][2]         0.0000000000 
_pdbx_struct_oper_list.matrix[3][3]         1.0000000000 
_pdbx_struct_oper_list.vector[3]            0.0000000000 
# 
_struct_biol.id   1 
# 
loop_
_struct_conn.id 
_struct_conn.conn_type_id 
_struct_conn.pdbx_leaving_atom_flag 
_struct_conn.pdbx_PDB_id 
_struct_conn.ptnr1_label_asym_id 
_struct_conn.ptnr1_label_comp_id 
_struct_conn.ptnr1_label_seq_id 
_struct_conn.ptnr1_label_atom_id 
_struct_conn.pdbx_ptnr1_label_alt_id 
_struct_conn.pdbx_ptnr1_PDB_ins_code 
_struct_conn.pdbx_ptnr1_standard_comp_id 
_struct_conn.ptnr1_symmetry 
_struct_conn.ptnr2_label_asym_id 
_struct_conn.ptnr2_label_comp_id 
_struct_conn.ptnr2_label_seq_id 
_struct_conn.ptnr2_label_atom_id 
_struct_conn.pdbx_ptnr2_label_alt_id 
_struct_conn.pdbx_ptnr2_PDB_ins_code 
_struct_conn.ptnr1_auth_asym_id 
_struct_conn.ptnr1_auth_comp_id 
_struct_conn.ptnr1_auth_seq_id 
_struct_conn.ptnr2_auth_asym_id 
_struct_conn.ptnr2_auth_comp_id 
_struct_conn.ptnr2_auth_seq_id 
_struct_conn.ptnr2_symmetry 
_struct_conn.pdbx_ptnr3_label_atom_id 
_struct_conn.pdbx_ptnr3_label_seq_id 
_struct_conn.pdbx_ptnr3_label_comp_id 
_struct_conn.pdbx_ptnr3_label_asym_id 
_struct_conn.pdbx_ptnr3_label_alt_id 
_struct_conn.pdbx_ptnr3_PDB_ins_code 
_struct_conn.details 
_struct_conn.pdbx_dist_value 
_struct_conn.pdbx_value_order 
_struct_conn.pdbx_role 
hydrog1  hydrog ? ? A DC 1  N3 ? ? ? 1_555 B DG 10 N1 ? ? A DC 1  B DG 20 1_555 ? ? ? ? ? ? WATSON-CRICK ? ? ? 
hydrog2  hydrog ? ? A DC 1  N4 ? ? ? 1_555 B DG 10 O6 ? ? A DC 1  B DG 20 1_555 ? ? ? ? ? ? WATSON-CRICK ? ? ? 
hydrog3  hydrog ? ? A DC 1  O2 ? ? ? 1_555 B DG 10 N2 ? ? A DC 1  B DG 20 1_555 ? ? ? ? ? ? WATSON-CRICK ? ? ? 
hydrog4  hydrog ? ? A DA 2  N1 ? ? ? 1_555 B DT 9  N3 ? ? A DA 2  B DT 19 1_555 ? ? ? ? ? ? WATSON-CRICK ? ? ? 
hydrog5  hydrog ? ? A DA 2  N6 ? ? ? 1_555 B DT 9  O4 ? ? A DA 2  B DT 19 1_555 ? ? ? ? ? ? WATSON-CRICK ? ? ? 
hydrog6  hydrog ? ? A DT 3  N3 ? ? ? 1_555 B DA 8  N1 ? ? A DT 3  B DA 18 1_555 ? ? ? ? ? ? WATSON-CRICK ? ? ? 
hydrog7  hydrog ? ? A DT 3  O4 ? ? ? 1_555 B DA 8  N6 ? ? A DT 3  B DA 18 1_555 ? ? ? ? ? ? WATSON-CRICK ? ? ? 
hydrog8  hydrog ? ? A DG 4  N1 ? ? ? 1_555 B DC 7  N3 ? ? A DG 4  B DC 17 1_555 ? ? ? ? ? ? WATSON-CRICK ? ? ? 
hydrog9  hydrog ? ? A DG 4  N2 ? ? ? 1_555 B DC 7  O2 ? ? A DG 4  B DC 17 1_555 ? ? ? ? ? ? WATSON-CRICK ? ? ? 
hydrog10 hydrog ? ? A DG 4  O6 ? ? ? 1_555 B DC 7  N4 ? ? A DG 4  B DC 17 1_555 ? ? ? ? ? ? WATSON-CRICK ? ? ? 
hydrog11 hydrog ? ? A DG 5  N1 ? ? ? 1_555 B DC 6  N3 ? ? A DG 5  B DC 16 1_555 ? ? ? ? ? ? WATSON-CRICK ? ? ? 
hydrog12 hydrog ? ? A DG 5  N2 ? ? ? 1_555 B DC 6  O2 ? ? A DG 5  B DC 16 1_555 ? ? ? ? ? ? WATSON-CRICK ? ? ? 
hydrog13 hydrog ? ? A DG 5  O6 ? ? ? 1_555 B DC 6  N4 ? ? A DG 5  B DC 16 1_555 ? ? ? ? ? ? WATSON-CRICK ? ? ? 
hydrog14 hydrog ? ? A DC 6  N3 ? ? ? 1_555 B DG 5  N1 ? ? A DC 6  B DG 15 1_555 ? ? ? ? ? ? WATSON-CRICK ? ? ? 
hydrog15 hydrog ? ? A DC 6  N4 ? ? ? 1_555 B DG 5  O6 ? ? A DC 6  B DG 15 1_555 ? ? ? ? ? ? WATSON-CRICK ? ? ? 
hydrog16 hydrog ? ? A DC 6  O2 ? ? ? 1_555 B DG 5  N2 ? ? A DC 6  B DG 15 1_555 ? ? ? ? ? ? WATSON-CRICK ? ? ? 
hydrog17 hydrog ? ? A DC 7  N3 ? ? ? 1_555 B DG 4  N1 ? ? A DC 7  B DG 14 1_555 ? ? ? ? ? ? WATSON-CRICK ? ? ? 
hydrog18 hydrog ? ? A DC 7  N4 ? ? ? 1_555 B DG 4  O6 ? ? A DC 7  B DG 14 1_555 ? ? ? ? ? ? WATSON-CRICK ? ? ? 
hydrog19 hydrog ? ? A DC 7  O2 ? ? ? 1_555 B DG 4  N2 ? ? A DC 7  B DG 14 1_555 ? ? ? ? ? ? WATSON-CRICK ? ? ? 
hydrog20 hydrog ? ? A DA 8  N1 ? ? ? 1_555 B DT 3  N3 ? ? A DA 8  B DT 13 1_555 ? ? ? ? ? ? WATSON-CRICK ? ? ? 
hydrog21 hydrog ? ? A DA 8  N6 ? ? ? 1_555 B DT 3  O4 ? ? A DA 8  B DT 13 1_555 ? ? ? ? ? ? WATSON-CRICK ? ? ? 
hydrog22 hydrog ? ? A DT 9  N3 ? ? ? 1_555 B DA 2  N1 ? ? A DT 9  B DA 12 1_555 ? ? ? ? ? ? WATSON-CRICK ? ? ? 
hydrog23 hydrog ? ? A DT 9  O4 ? ? ? 1_555 B DA 2  N6 ? ? A DT 9  B DA 12 1_555 ? ? ? ? ? ? WATSON-CRICK ? ? ? 
hydrog24 hydrog ? ? A DG 10 N1 ? ? ? 1_555 B DC 1  N3 ? ? A DG 10 B DC 11 1_555 ? ? ? ? ? ? WATSON-CRICK ? ? ? 
hydrog25 hydrog ? ? A DG 10 N2 ? ? ? 1_555 B DC 1  O2 ? ? A DG 10 B DC 11 1_555 ? ? ? ? ? ? WATSON-CRICK ? ? ? 
hydrog26 hydrog ? ? A DG 10 O6 ? ? ? 1_555 B DC 1  N4 ? ? A DG 10 B DC 11 1_555 ? ? ? ? ? ? WATSON-CRICK ? ? ? 
# 
_struct_conn_type.id          hydrog 
_struct_conn_type.criteria    ? 
_struct_conn_type.reference   ? 
# 
loop_
_pdbx_validate_symm_contact.id 
_pdbx_validate_symm_contact.PDB_model_num 
_pdbx_validate_symm_contact.auth_atom_id_1 
_pdbx_validate_symm_contact.auth_asym_id_1 
_pdbx_validate_symm_contact.auth_comp_id_1 
_pdbx_validate_symm_contact.auth_seq_id_1 
_pdbx_validate_symm_contact.PDB_ins_code_1 
_pdbx_validate_symm_contact.label_alt_id_1 
_pdbx_validate_symm_contact.site_symmetry_1 
_pdbx_validate_symm_contact.auth_atom_id_2 
_pdbx_validate_symm_contact.auth_asym_id_2 
_pdbx_validate_symm_contact.auth_comp_id_2 
_pdbx_validate_symm_contact.auth_seq_id_2 
_pdbx_validate_symm_contact.PDB_ins_code_2 
_pdbx_validate_symm_contact.label_alt_id_2 
_pdbx_validate_symm_contact.site_symmetry_2 
_pdbx_validate_symm_contact.dist 
1 1 OP1   B DG 20 ? ? 1_555 O     B HOH 28 ? ? 4_555 2.12 
2 1 OP2   B DG 15 ? ? 1_555 O     A HOH 52 ? ? 4_456 2.14 
3 1 "O5'" A DC 1  ? ? 1_555 "O3'" A DG  10 ? ? 1_554 2.16 
# 
loop_
_pdbx_validate_rmsd_bond.id 
_pdbx_validate_rmsd_bond.PDB_model_num 
_pdbx_validate_rmsd_bond.auth_atom_id_1 
_pdbx_validate_rmsd_bond.auth_asym_id_1 
_pdbx_validate_rmsd_bond.auth_comp_id_1 
_pdbx_validate_rmsd_bond.auth_seq_id_1 
_pdbx_validate_rmsd_bond.PDB_ins_code_1 
_pdbx_validate_rmsd_bond.label_alt_id_1 
_pdbx_validate_rmsd_bond.auth_atom_id_2 
_pdbx_validate_rmsd_bond.auth_asym_id_2 
_pdbx_validate_rmsd_bond.auth_comp_id_2 
_pdbx_validate_rmsd_bond.auth_seq_id_2 
_pdbx_validate_rmsd_bond.PDB_ins_code_2 
_pdbx_validate_rmsd_bond.label_alt_id_2 
_pdbx_validate_rmsd_bond.bond_value 
_pdbx_validate_rmsd_bond.bond_target_value 
_pdbx_validate_rmsd_bond.bond_deviation 
_pdbx_validate_rmsd_bond.bond_standard_deviation 
_pdbx_validate_rmsd_bond.linker_flag 
1  1 "O4'" A DC 1  ? ? "C1'" A DC 1  ? ? 1.496 1.420 0.076  0.011 N 
2  1 N3    A DC 1  ? ? C4    A DC 1  ? ? 1.389 1.335 0.054  0.007 N 
3  1 "C4'" A DA 2  ? ? "C3'" A DA 2  ? ? 1.617 1.529 0.088  0.010 N 
4  1 "C3'" A DA 2  ? ? "C2'" A DA 2  ? ? 1.435 1.516 -0.081 0.008 N 
5  1 "O4'" A DA 2  ? ? "C4'" A DA 2  ? ? 1.385 1.446 -0.061 0.010 N 
6  1 N1    A DA 2  ? ? C2    A DA 2  ? ? 1.419 1.339 0.080  0.009 N 
7  1 C5    A DA 2  ? ? N7    A DA 2  ? ? 1.437 1.388 0.049  0.006 N 
8  1 C8    A DA 2  ? ? N9    A DA 2  ? ? 1.267 1.373 -0.106 0.008 N 
9  1 N9    A DA 2  ? ? C4    A DA 2  ? ? 1.442 1.374 0.068  0.006 N 
10 1 P     A DT 3  ? ? "O5'" A DT 3  ? ? 1.757 1.593 0.164  0.010 N 
11 1 "O4'" A DT 3  ? ? "C4'" A DT 3  ? ? 1.375 1.446 -0.071 0.010 N 
12 1 C5    A DT 3  ? ? C6    A DT 3  ? ? 1.283 1.339 -0.056 0.007 N 
13 1 C6    A DT 3  ? ? N1    A DT 3  ? ? 1.326 1.378 -0.052 0.007 N 
14 1 C4    A DT 3  ? ? O4    A DT 3  ? ? 1.340 1.228 0.112  0.009 N 
15 1 P     A DG 4  ? ? "O5'" A DG 4  ? ? 1.675 1.593 0.082  0.010 N 
16 1 "C5'" A DG 4  ? ? "C4'" A DG 4  ? ? 1.437 1.509 -0.072 0.011 N 
17 1 C2    A DG 4  ? ? N3    A DG 4  ? ? 1.262 1.323 -0.061 0.008 N 
18 1 N3    A DG 4  ? ? C4    A DG 4  ? ? 1.413 1.350 0.063  0.007 N 
19 1 C4    A DG 4  ? ? C5    A DG 4  ? ? 1.320 1.379 -0.059 0.007 N 
20 1 N7    A DG 4  ? ? C8    A DG 4  ? ? 1.246 1.305 -0.059 0.006 N 
21 1 P     A DG 5  ? ? OP1   A DG 5  ? ? 1.598 1.485 0.113  0.017 N 
22 1 "C5'" A DG 5  ? ? "C4'" A DG 5  ? ? 1.435 1.509 -0.074 0.011 N 
23 1 "C4'" A DG 5  ? ? "C3'" A DG 5  ? ? 1.646 1.529 0.117  0.010 N 
24 1 "C3'" A DG 5  ? ? "C2'" A DG 5  ? ? 1.424 1.516 -0.092 0.008 N 
25 1 N1    A DG 5  ? ? C2    A DG 5  ? ? 1.314 1.373 -0.059 0.008 N 
26 1 C5    A DG 5  ? ? N7    A DG 5  ? ? 1.428 1.388 0.040  0.006 N 
27 1 C4    A DC 6  ? ? N4    A DC 6  ? ? 1.242 1.335 -0.093 0.009 N 
28 1 N1    A DC 6  ? ? C6    A DC 6  ? ? 1.285 1.367 -0.082 0.006 N 
29 1 N3    A DC 6  ? ? C4    A DC 6  ? ? 1.398 1.335 0.063  0.007 N 
30 1 "C5'" A DC 7  ? ? "C4'" A DC 7  ? ? 1.599 1.512 0.087  0.007 N 
31 1 "O3'" A DC 7  ? ? "C3'" A DC 7  ? ? 1.363 1.419 -0.056 0.006 N 
32 1 C4    A DC 7  ? ? C5    A DC 7  ? ? 1.504 1.425 0.079  0.008 N 
33 1 "C2'" A DA 8  ? ? "C1'" A DA 8  ? ? 1.450 1.518 -0.068 0.010 N 
34 1 "O4'" A DA 8  ? ? "C4'" A DA 8  ? ? 1.384 1.446 -0.062 0.010 N 
35 1 N9    A DA 8  ? ? C4    A DA 8  ? ? 1.319 1.374 -0.055 0.006 N 
36 1 P     A DT 9  ? ? "O5'" A DT 9  ? ? 1.661 1.593 0.068  0.010 N 
37 1 C4    A DT 9  ? ? O4    A DT 9  ? ? 1.300 1.228 0.072  0.009 N 
38 1 P     A DG 10 ? ? "O5'" A DG 10 ? ? 1.520 1.593 -0.073 0.010 N 
39 1 N3    A DG 10 ? ? C4    A DG 10 ? ? 1.393 1.350 0.043  0.007 N 
40 1 C5    A DG 10 ? ? C6    A DG 10 ? ? 1.352 1.419 -0.067 0.010 N 
41 1 C6    A DG 10 ? ? N1    A DG 10 ? ? 1.298 1.391 -0.093 0.007 N 
42 1 N9    A DG 10 ? ? C4    A DG 10 ? ? 1.314 1.375 -0.061 0.008 N 
43 1 N3    B DC 11 ? ? C4    B DC 11 ? ? 1.402 1.335 0.067  0.007 N 
44 1 P     B DA 12 ? ? "O5'" B DA 12 ? ? 1.657 1.593 0.064  0.010 N 
45 1 "C4'" B DA 12 ? ? "C3'" B DA 12 ? ? 1.625 1.529 0.096  0.010 N 
46 1 "O4'" B DA 12 ? ? "C1'" B DA 12 ? ? 1.487 1.420 0.067  0.011 N 
47 1 "O4'" B DA 12 ? ? "C4'" B DA 12 ? ? 1.350 1.446 -0.096 0.010 N 
48 1 N1    B DA 12 ? ? C2    B DA 12 ? ? 1.413 1.339 0.074  0.009 N 
49 1 C4    B DA 12 ? ? C5    B DA 12 ? ? 1.427 1.383 0.044  0.007 N 
50 1 "C4'" B DT 13 ? ? "C3'" B DT 13 ? ? 1.615 1.529 0.086  0.010 N 
51 1 "C3'" B DT 13 ? ? "C2'" B DT 13 ? ? 1.468 1.516 -0.048 0.008 N 
52 1 "O4'" B DT 13 ? ? "C4'" B DT 13 ? ? 1.317 1.446 -0.129 0.010 N 
53 1 N1    B DT 13 ? ? C2    B DT 13 ? ? 1.313 1.376 -0.063 0.008 N 
54 1 C4    B DT 13 ? ? O4    B DT 13 ? ? 1.351 1.228 0.123  0.009 N 
55 1 C2    B DG 14 ? ? N3    B DG 14 ? ? 1.424 1.323 0.101  0.008 N 
56 1 C5    B DG 14 ? ? N7    B DG 14 ? ? 1.329 1.388 -0.059 0.006 N 
57 1 N7    B DG 14 ? ? C8    B DG 14 ? ? 1.230 1.305 -0.075 0.006 N 
58 1 N9    B DG 14 ? ? C4    B DG 14 ? ? 1.298 1.375 -0.077 0.008 N 
59 1 C2    B DG 14 ? ? N2    B DG 14 ? ? 1.277 1.341 -0.064 0.010 N 
60 1 P     B DG 15 ? ? "O5'" B DG 15 ? ? 1.677 1.593 0.084  0.010 N 
61 1 "C5'" B DG 15 ? ? "C4'" B DG 15 ? ? 1.564 1.512 0.052  0.007 N 
62 1 "C3'" B DG 15 ? ? "C2'" B DG 15 ? ? 1.460 1.516 -0.056 0.008 N 
63 1 "O4'" B DG 15 ? ? "C4'" B DG 15 ? ? 1.364 1.446 -0.082 0.010 N 
64 1 C6    B DG 15 ? ? N1    B DG 15 ? ? 1.296 1.391 -0.095 0.007 N 
65 1 C8    B DG 15 ? ? N9    B DG 15 ? ? 1.298 1.374 -0.076 0.007 N 
66 1 "O5'" B DC 16 ? ? "C5'" B DC 16 ? ? 1.578 1.440 0.138  0.016 N 
67 1 "C3'" B DC 16 ? ? "C2'" B DC 16 ? ? 1.457 1.516 -0.059 0.008 N 
68 1 N1    B DC 16 ? ? C2    B DC 16 ? ? 1.462 1.397 0.065  0.010 N 
69 1 N1    B DC 16 ? ? C6    B DC 16 ? ? 1.328 1.367 -0.039 0.006 N 
70 1 N3    B DC 16 ? ? C4    B DC 16 ? ? 1.391 1.335 0.056  0.007 N 
71 1 "O3'" B DC 17 ? ? "C3'" B DC 17 ? ? 1.558 1.435 0.123  0.013 N 
72 1 C4    B DC 17 ? ? C5    B DC 17 ? ? 1.366 1.425 -0.059 0.008 N 
73 1 P     B DA 18 ? ? "O5'" B DA 18 ? ? 1.674 1.593 0.081  0.010 N 
74 1 "O4'" B DA 18 ? ? "C1'" B DA 18 ? ? 1.524 1.420 0.104  0.011 N 
75 1 "O4'" B DA 18 ? ? "C4'" B DA 18 ? ? 1.312 1.446 -0.134 0.010 N 
76 1 N1    B DA 18 ? ? C2    B DA 18 ? ? 1.407 1.339 0.068  0.009 N 
77 1 C2    B DA 18 ? ? N3    B DA 18 ? ? 1.420 1.331 0.089  0.009 N 
78 1 "C2'" B DT 19 ? ? "C1'" B DT 19 ? ? 1.433 1.518 -0.085 0.010 N 
79 1 "O4'" B DT 19 ? ? "C1'" B DT 19 ? ? 1.584 1.420 0.164  0.011 N 
80 1 N3    B DT 19 ? ? C4    B DT 19 ? ? 1.333 1.382 -0.049 0.008 N 
81 1 C2    B DT 19 ? ? O2    B DT 19 ? ? 1.272 1.220 0.052  0.008 N 
82 1 P     B DG 20 ? ? "O5'" B DG 20 ? ? 1.513 1.593 -0.080 0.010 N 
83 1 "C5'" B DG 20 ? ? "C4'" B DG 20 ? ? 1.589 1.512 0.077  0.007 N 
84 1 "C3'" B DG 20 ? ? "C2'" B DG 20 ? ? 1.466 1.516 -0.050 0.008 N 
85 1 C4    B DG 20 ? ? C5    B DG 20 ? ? 1.322 1.379 -0.057 0.007 N 
86 1 C6    B DG 20 ? ? N1    B DG 20 ? ? 1.303 1.391 -0.088 0.007 N 
87 1 N7    B DG 20 ? ? C8    B DG 20 ? ? 1.268 1.305 -0.037 0.006 N 
88 1 C6    B DG 20 ? ? O6    B DG 20 ? ? 1.317 1.237 0.080  0.009 N 
# 
loop_
_pdbx_validate_rmsd_angle.id 
_pdbx_validate_rmsd_angle.PDB_model_num 
_pdbx_validate_rmsd_angle.auth_atom_id_1 
_pdbx_validate_rmsd_angle.auth_asym_id_1 
_pdbx_validate_rmsd_angle.auth_comp_id_1 
_pdbx_validate_rmsd_angle.auth_seq_id_1 
_pdbx_validate_rmsd_angle.PDB_ins_code_1 
_pdbx_validate_rmsd_angle.label_alt_id_1 
_pdbx_validate_rmsd_angle.auth_atom_id_2 
_pdbx_validate_rmsd_angle.auth_asym_id_2 
_pdbx_validate_rmsd_angle.auth_comp_id_2 
_pdbx_validate_rmsd_angle.auth_seq_id_2 
_pdbx_validate_rmsd_angle.PDB_ins_code_2 
_pdbx_validate_rmsd_angle.label_alt_id_2 
_pdbx_validate_rmsd_angle.auth_atom_id_3 
_pdbx_validate_rmsd_angle.auth_asym_id_3 
_pdbx_validate_rmsd_angle.auth_comp_id_3 
_pdbx_validate_rmsd_angle.auth_seq_id_3 
_pdbx_validate_rmsd_angle.PDB_ins_code_3 
_pdbx_validate_rmsd_angle.label_alt_id_3 
_pdbx_validate_rmsd_angle.angle_value 
_pdbx_validate_rmsd_angle.angle_target_value 
_pdbx_validate_rmsd_angle.angle_deviation 
_pdbx_validate_rmsd_angle.angle_standard_deviation 
_pdbx_validate_rmsd_angle.linker_flag 
1   1 "O4'" A DC 1  ? ? "C4'" A DC 1  ? ? "C3'" A DC 1  ? ? 101.46 104.50 -3.04  0.40 N 
2   1 "C5'" A DC 1  ? ? "C4'" A DC 1  ? ? "O4'" A DC 1  ? ? 116.80 109.80 7.00   1.10 N 
3   1 "C1'" A DC 1  ? ? "O4'" A DC 1  ? ? "C4'" A DC 1  ? ? 115.88 110.30 5.58   0.70 N 
4   1 "O4'" A DC 1  ? ? "C1'" A DC 1  ? ? "C2'" A DC 1  ? ? 100.46 105.90 -5.44  0.80 N 
5   1 "O4'" A DC 1  ? ? "C1'" A DC 1  ? ? N1    A DC 1  ? ? 97.73  108.00 -10.27 0.70 N 
6   1 N3    A DC 1  ? ? C4    A DC 1  ? ? C5    A DC 1  ? ? 118.59 121.90 -3.31  0.40 N 
7   1 C5    A DC 1  ? ? C6    A DC 1  ? ? N1    A DC 1  ? ? 124.15 121.00 3.15   0.50 N 
8   1 "O4'" A DA 2  ? ? "C4'" A DA 2  ? ? "C3'" A DA 2  ? ? 101.30 104.50 -3.20  0.40 N 
9   1 "C5'" A DA 2  ? ? "C4'" A DA 2  ? ? "O4'" A DA 2  ? ? 97.89  109.30 -11.41 1.90 N 
10  1 "O4'" A DA 2  ? ? "C1'" A DA 2  ? ? "C2'" A DA 2  ? ? 112.12 106.80 5.32   0.50 N 
11  1 N7    A DA 2  ? ? C8    A DA 2  ? ? N9    A DA 2  ? ? 117.86 113.80 4.06   0.50 N 
12  1 N1    A DA 2  ? ? C6    A DA 2  ? ? N6    A DA 2  ? ? 114.60 118.60 -4.00  0.60 N 
13  1 OP1   A DT 3  ? ? P     A DT 3  ? ? OP2   A DT 3  ? ? 137.32 119.60 17.72  1.50 N 
14  1 "O5'" A DT 3  ? ? P     A DT 3  ? ? OP2   A DT 3  ? ? 99.23  105.70 -6.47  0.90 N 
15  1 P     A DT 3  ? ? "O5'" A DT 3  ? ? "C5'" A DT 3  ? ? 133.77 120.90 12.87  1.60 N 
16  1 "C3'" A DT 3  ? ? "C2'" A DT 3  ? ? "C1'" A DT 3  ? ? 89.71  102.40 -12.69 0.80 N 
17  1 N1    A DT 3  ? ? C2    A DT 3  ? ? N3    A DT 3  ? ? 119.64 114.60 5.04   0.60 N 
18  1 C2    A DT 3  ? ? N3    A DT 3  ? ? C4    A DT 3  ? ? 114.81 127.20 -12.39 0.60 N 
19  1 N3    A DT 3  ? ? C4    A DT 3  ? ? C5    A DT 3  ? ? 122.68 115.20 7.48   0.60 N 
20  1 N3    A DT 3  ? ? C2    A DT 3  ? ? O2    A DT 3  ? ? 112.09 122.30 -10.21 0.60 N 
21  1 N3    A DT 3  ? ? C4    A DT 3  ? ? O4    A DT 3  ? ? 109.11 119.90 -10.79 0.60 N 
22  1 OP1   A DG 4  ? ? P     A DG 4  ? ? OP2   A DG 4  ? ? 129.90 119.60 10.30  1.50 N 
23  1 P     A DG 4  ? ? "O5'" A DG 4  ? ? "C5'" A DG 4  ? ? 109.80 120.90 -11.10 1.60 N 
24  1 "O4'" A DG 4  ? ? "C4'" A DG 4  ? ? "C3'" A DG 4  ? ? 101.92 104.50 -2.58  0.40 N 
25  1 "C5'" A DG 4  ? ? "C4'" A DG 4  ? ? "O4'" A DG 4  ? ? 123.03 109.80 13.23  1.10 N 
26  1 "O4'" A DG 4  ? ? "C1'" A DG 4  ? ? N9    A DG 4  ? ? 101.40 108.00 -6.60  0.70 N 
27  1 C4    A DG 4  ? ? C5    A DG 4  ? ? N7    A DG 4  ? ? 107.20 110.80 -3.60  0.40 N 
28  1 C5    A DG 4  ? ? N7    A DG 4  ? ? C8    A DG 4  ? ? 108.91 104.30 4.61   0.50 N 
29  1 C8    A DG 4  ? ? N9    A DG 4  ? ? C4    A DG 4  ? ? 102.92 106.40 -3.48  0.40 N 
30  1 N9    A DG 4  ? ? C4    A DG 4  ? ? C5    A DG 4  ? ? 108.99 105.40 3.59   0.40 N 
31  1 N1    A DG 4  ? ? C6    A DG 4  ? ? O6    A DG 4  ? ? 113.96 119.90 -5.94  0.60 N 
32  1 C5    A DG 4  ? ? C6    A DG 4  ? ? O6    A DG 4  ? ? 135.21 128.60 6.61   0.60 N 
33  1 "C3'" A DG 4  ? ? "O3'" A DG 4  ? ? P     A DG 5  ? ? 136.46 119.70 16.76  1.20 Y 
34  1 "O5'" A DG 5  ? ? P     A DG 5  ? ? OP2   A DG 5  ? ? 117.98 110.70 7.28   1.20 N 
35  1 P     A DG 5  ? ? "O5'" A DG 5  ? ? "C5'" A DG 5  ? ? 107.30 120.90 -13.60 1.60 N 
36  1 "C1'" A DG 5  ? ? "O4'" A DG 5  ? ? "C4'" A DG 5  ? ? 103.37 110.10 -6.73  1.00 N 
37  1 "O4'" A DG 5  ? ? "C1'" A DG 5  ? ? "C2'" A DG 5  ? ? 113.59 106.80 6.79   0.50 N 
38  1 "O4'" A DG 5  ? ? "C1'" A DG 5  ? ? N9    A DG 5  ? ? 116.80 108.30 8.50   0.30 N 
39  1 C6    A DG 5  ? ? N1    A DG 5  ? ? C2    A DG 5  ? ? 128.93 125.10 3.83   0.60 N 
40  1 N1    A DG 5  ? ? C2    A DG 5  ? ? N3    A DG 5  ? ? 116.28 123.90 -7.62  0.60 N 
41  1 C2    A DG 5  ? ? N3    A DG 5  ? ? C4    A DG 5  ? ? 118.31 111.90 6.41   0.50 N 
42  1 C4    A DG 5  ? ? C5    A DG 5  ? ? C6    A DG 5  ? ? 114.72 118.80 -4.08  0.60 N 
43  1 C5    A DG 5  ? ? C6    A DG 5  ? ? N1    A DG 5  ? ? 115.45 111.50 3.95   0.50 N 
44  1 C5    A DG 5  ? ? N7    A DG 5  ? ? C8    A DG 5  ? ? 101.16 104.30 -3.14  0.50 N 
45  1 N7    A DG 5  ? ? C8    A DG 5  ? ? N9    A DG 5  ? ? 116.41 113.10 3.31   0.50 N 
46  1 C6    A DG 5  ? ? C5    A DG 5  ? ? N7    A DG 5  ? ? 134.03 130.40 3.63   0.60 N 
47  1 N1    A DG 5  ? ? C2    A DG 5  ? ? N2    A DG 5  ? ? 121.81 116.20 5.61   0.90 N 
48  1 C5    A DG 5  ? ? C6    A DG 5  ? ? O6    A DG 5  ? ? 124.41 128.60 -4.19  0.60 N 
49  1 C8    A DG 5  ? ? N9    A DG 5  ? ? "C1'" A DG 5  ? ? 137.32 127.00 10.32  1.30 N 
50  1 C4    A DG 5  ? ? N9    A DG 5  ? ? "C1'" A DG 5  ? ? 116.86 126.50 -9.64  1.30 N 
51  1 "C3'" A DG 5  ? ? "O3'" A DG 5  ? ? P     A DC 6  ? ? 143.01 119.70 23.31  1.20 Y 
52  1 "O5'" A DC 6  ? ? P     A DC 6  ? ? OP1   A DC 6  ? ? 122.01 110.70 11.31  1.20 N 
53  1 "O5'" A DC 6  ? ? "C5'" A DC 6  ? ? "C4'" A DC 6  ? ? 95.74  109.40 -13.66 0.80 N 
54  1 "C1'" A DC 6  ? ? "O4'" A DC 6  ? ? "C4'" A DC 6  ? ? 101.06 110.10 -9.04  1.00 N 
55  1 "O4'" A DC 6  ? ? "C1'" A DC 6  ? ? N1    A DC 6  ? ? 97.95  108.00 -10.05 0.70 N 
56  1 C6    A DC 6  ? ? N1    A DC 6  ? ? C2    A DC 6  ? ? 128.50 120.30 8.20   0.40 N 
57  1 N1    A DC 6  ? ? C2    A DC 6  ? ? N3    A DC 6  ? ? 113.55 119.20 -5.65  0.70 N 
58  1 C4    A DC 6  ? ? C5    A DC 6  ? ? C6    A DC 6  ? ? 113.15 117.40 -4.25  0.50 N 
59  1 N1    A DC 6  ? ? C2    A DC 6  ? ? O2    A DC 6  ? ? 128.43 118.90 9.53   0.60 N 
60  1 C2    A DC 6  ? ? N1    A DC 6  ? ? "C1'" A DC 6  ? ? 110.70 118.80 -8.10  1.10 N 
61  1 "O3'" A DC 6  ? ? P     A DC 7  ? ? OP1   A DC 7  ? ? 86.95  105.20 -18.25 2.20 Y 
62  1 OP1   A DC 7  ? ? P     A DC 7  ? ? OP2   A DC 7  ? ? 130.50 119.60 10.90  1.50 N 
63  1 "O5'" A DC 7  ? ? P     A DC 7  ? ? OP1   A DC 7  ? ? 121.92 110.70 11.22  1.20 N 
64  1 P     A DC 7  ? ? "O5'" A DC 7  ? ? "C5'" A DC 7  ? ? 133.82 120.90 12.92  1.60 N 
65  1 "C3'" A DC 7  ? ? "C2'" A DC 7  ? ? "C1'" A DC 7  ? ? 96.94  102.40 -5.46  0.80 N 
66  1 N1    A DC 7  ? ? "C1'" A DC 7  ? ? "C2'" A DC 7  ? ? 123.46 114.30 9.16   1.40 N 
67  1 "O4'" A DC 7  ? ? "C1'" A DC 7  ? ? N1    A DC 7  ? ? 99.19  108.00 -8.81  0.70 N 
68  1 N3    A DC 7  ? ? C4    A DC 7  ? ? C5    A DC 7  ? ? 119.31 121.90 -2.59  0.40 N 
69  1 N3    A DC 7  ? ? C4    A DC 7  ? ? N4    A DC 7  ? ? 127.98 118.00 9.98   0.70 N 
70  1 C5    A DC 7  ? ? C4    A DC 7  ? ? N4    A DC 7  ? ? 112.36 120.20 -7.84  0.70 N 
71  1 "C3'" A DC 7  ? ? "O3'" A DC 7  ? ? P     A DA 8  ? ? 141.45 119.70 21.75  1.20 Y 
72  1 "O3'" A DC 7  ? ? P     A DA 8  ? ? "O5'" A DA 8  ? ? 117.86 104.00 13.86  1.90 Y 
73  1 "C5'" A DA 8  ? ? "C4'" A DA 8  ? ? "O4'" A DA 8  ? ? 116.85 109.80 7.05   1.10 N 
74  1 C2    A DA 8  ? ? N3    A DA 8  ? ? C4    A DA 8  ? ? 113.72 110.60 3.12   0.50 N 
75  1 C5    A DA 8  ? ? N7    A DA 8  ? ? C8    A DA 8  ? ? 107.74 103.90 3.84   0.50 N 
76  1 N7    A DA 8  ? ? C8    A DA 8  ? ? N9    A DA 8  ? ? 108.19 113.80 -5.61  0.50 N 
77  1 N9    A DA 8  ? ? C4    A DA 8  ? ? C5    A DA 8  ? ? 109.04 105.80 3.24   0.40 N 
78  1 N1    A DA 8  ? ? C6    A DA 8  ? ? N6    A DA 8  ? ? 110.56 118.60 -8.04  0.60 N 
79  1 C5    A DA 8  ? ? C6    A DA 8  ? ? N6    A DA 8  ? ? 131.80 123.70 8.10   0.80 N 
80  1 P     A DT 9  ? ? "O5'" A DT 9  ? ? "C5'" A DT 9  ? ? 132.12 120.90 11.22  1.60 N 
81  1 "O4'" A DT 9  ? ? "C4'" A DT 9  ? ? "C3'" A DT 9  ? ? 96.82  104.50 -7.68  0.40 N 
82  1 "C5'" A DT 9  ? ? "C4'" A DT 9  ? ? "O4'" A DT 9  ? ? 116.50 109.80 6.70   1.10 N 
83  1 N3    A DT 9  ? ? C4    A DT 9  ? ? O4    A DT 9  ? ? 114.56 119.90 -5.34  0.60 N 
84  1 C5    A DT 9  ? ? C4    A DT 9  ? ? O4    A DT 9  ? ? 129.20 124.90 4.30   0.70 N 
85  1 C4    A DT 9  ? ? C5    A DT 9  ? ? C7    A DT 9  ? ? 122.82 119.00 3.82   0.60 N 
86  1 C6    A DT 9  ? ? C5    A DT 9  ? ? C7    A DT 9  ? ? 117.34 122.90 -5.56  0.60 N 
87  1 "O3'" A DT 9  ? ? P     A DG 10 ? ? OP1   A DG 10 ? ? 88.56  105.20 -16.64 2.20 Y 
88  1 OP1   A DG 10 ? ? P     A DG 10 ? ? OP2   A DG 10 ? ? 93.53  119.60 -26.07 1.50 N 
89  1 "O5'" A DG 10 ? ? P     A DG 10 ? ? OP1   A DG 10 ? ? 135.27 110.70 24.57  1.20 N 
90  1 "O5'" A DG 10 ? ? P     A DG 10 ? ? OP2   A DG 10 ? ? 122.45 110.70 11.75  1.20 N 
91  1 C5    A DG 10 ? ? C6    A DG 10 ? ? N1    A DG 10 ? ? 115.74 111.50 4.24   0.50 N 
92  1 N9    A DG 10 ? ? C4    A DG 10 ? ? C5    A DG 10 ? ? 108.54 105.40 3.14   0.40 N 
93  1 N1    A DG 10 ? ? C2    A DG 10 ? ? N2    A DG 10 ? ? 124.74 116.20 8.54   0.90 N 
94  1 N3    A DG 10 ? ? C2    A DG 10 ? ? N2    A DG 10 ? ? 113.25 119.90 -6.65  0.70 N 
95  1 C5    A DG 10 ? ? C6    A DG 10 ? ? O6    A DG 10 ? ? 123.18 128.60 -5.42  0.60 N 
96  1 "O4'" B DC 11 ? ? "C4'" B DC 11 ? ? "C3'" B DC 11 ? ? 101.27 104.50 -3.23  0.40 N 
97  1 "O4'" B DC 11 ? ? "C1'" B DC 11 ? ? "C2'" B DC 11 ? ? 110.01 106.80 3.21   0.50 N 
98  1 "O4'" B DC 11 ? ? "C1'" B DC 11 ? ? N1    B DC 11 ? ? 111.96 108.30 3.66   0.30 N 
99  1 C6    B DC 11 ? ? N1    B DC 11 ? ? C2    B DC 11 ? ? 123.25 120.30 2.95   0.40 N 
100 1 N3    B DC 11 ? ? C4    B DC 11 ? ? C5    B DC 11 ? ? 125.02 121.90 3.12   0.40 N 
101 1 C4    B DC 11 ? ? C5    B DC 11 ? ? C6    B DC 11 ? ? 112.89 117.40 -4.51  0.50 N 
102 1 N3    B DC 11 ? ? C2    B DC 11 ? ? O2    B DC 11 ? ? 128.68 121.90 6.78   0.70 N 
103 1 N3    B DC 11 ? ? C4    B DC 11 ? ? N4    B DC 11 ? ? 112.57 118.00 -5.43  0.70 N 
104 1 C2    B DC 11 ? ? N1    B DC 11 ? ? "C1'" B DC 11 ? ? 111.72 118.80 -7.08  1.10 N 
105 1 "O5'" B DA 12 ? ? P     B DA 12 ? ? OP1   B DA 12 ? ? 99.06  105.70 -6.64  0.90 N 
106 1 "O4'" B DA 12 ? ? "C4'" B DA 12 ? ? "C3'" B DA 12 ? ? 100.61 104.50 -3.89  0.40 N 
107 1 "O4'" B DA 12 ? ? "C1'" B DA 12 ? ? N9    B DA 12 ? ? 101.91 108.00 -6.09  0.70 N 
108 1 N1    B DA 12 ? ? C6    B DA 12 ? ? N6    B DA 12 ? ? 122.20 118.60 3.60   0.60 N 
109 1 "C3'" B DA 12 ? ? "O3'" B DA 12 ? ? P     B DT 13 ? ? 131.26 119.70 11.56  1.20 Y 
110 1 OP1   B DT 13 ? ? P     B DT 13 ? ? OP2   B DT 13 ? ? 110.06 119.60 -9.54  1.50 N 
111 1 "O5'" B DT 13 ? ? "C5'" B DT 13 ? ? "C4'" B DT 13 ? ? 101.03 109.40 -8.37  0.80 N 
112 1 "O4'" B DT 13 ? ? "C1'" B DT 13 ? ? "C2'" B DT 13 ? ? 99.25  105.90 -6.65  0.80 N 
113 1 "O4'" B DT 13 ? ? "C1'" B DT 13 ? ? N1    B DT 13 ? ? 111.73 108.30 3.43   0.30 N 
114 1 C6    B DT 13 ? ? N1    B DT 13 ? ? C2    B DT 13 ? ? 118.07 121.30 -3.23  0.50 N 
115 1 N1    B DT 13 ? ? C2    B DT 13 ? ? N3    B DT 13 ? ? 119.99 114.60 5.39   0.60 N 
116 1 C2    B DT 13 ? ? N3    B DT 13 ? ? C4    B DT 13 ? ? 123.09 127.20 -4.11  0.60 N 
117 1 N1    B DT 13 ? ? C2    B DT 13 ? ? O2    B DT 13 ? ? 117.43 123.10 -5.67  0.80 N 
118 1 C4    B DT 13 ? ? C5    B DT 13 ? ? C7    B DT 13 ? ? 122.67 119.00 3.67   0.60 N 
119 1 "C3'" B DT 13 ? ? "O3'" B DT 13 ? ? P     B DG 14 ? ? 129.82 119.70 10.12  1.20 Y 
120 1 OP1   B DG 14 ? ? P     B DG 14 ? ? OP2   B DG 14 ? ? 102.07 119.60 -17.53 1.50 N 
121 1 "O5'" B DG 14 ? ? P     B DG 14 ? ? OP1   B DG 14 ? ? 119.58 110.70 8.88   1.20 N 
122 1 "O5'" B DG 14 ? ? P     B DG 14 ? ? OP2   B DG 14 ? ? 127.54 110.70 16.84  1.20 N 
123 1 "O4'" B DG 14 ? ? "C4'" B DG 14 ? ? "C3'" B DG 14 ? ? 99.60  104.50 -4.90  0.40 N 
124 1 "C5'" B DG 14 ? ? "C4'" B DG 14 ? ? "O4'" B DG 14 ? ? 120.17 109.80 10.37  1.10 N 
125 1 "C1'" B DG 14 ? ? "O4'" B DG 14 ? ? "C4'" B DG 14 ? ? 115.08 110.30 4.78   0.70 N 
126 1 "O4'" B DG 14 ? ? "C1'" B DG 14 ? ? N9    B DG 14 ? ? 110.75 108.30 2.45   0.30 N 
127 1 N1    B DG 14 ? ? C2    B DG 14 ? ? N3    B DG 14 ? ? 129.25 123.90 5.35   0.60 N 
128 1 C2    B DG 14 ? ? N3    B DG 14 ? ? C4    B DG 14 ? ? 103.96 111.90 -7.94  0.50 N 
129 1 C5    B DG 14 ? ? N7    B DG 14 ? ? C8    B DG 14 ? ? 97.53  104.30 -6.77  0.50 N 
130 1 N7    B DG 14 ? ? C8    B DG 14 ? ? N9    B DG 14 ? ? 124.20 113.10 11.10  0.50 N 
131 1 C8    B DG 14 ? ? N9    B DG 14 ? ? C4    B DG 14 ? ? 98.32  106.40 -8.08  0.40 N 
132 1 N9    B DG 14 ? ? C4    B DG 14 ? ? C5    B DG 14 ? ? 108.23 105.40 2.83   0.40 N 
133 1 N3    B DG 14 ? ? C4    B DG 14 ? ? N9    B DG 14 ? ? 120.73 126.00 -5.27  0.60 N 
134 1 OP1   B DG 15 ? ? P     B DG 15 ? ? OP2   B DG 15 ? ? 140.08 119.60 20.48  1.50 N 
135 1 "O5'" B DG 15 ? ? P     B DG 15 ? ? OP2   B DG 15 ? ? 91.65  105.70 -14.05 0.90 N 
136 1 "C5'" B DG 15 ? ? "C4'" B DG 15 ? ? "O4'" B DG 15 ? ? 121.17 109.80 11.37  1.10 N 
137 1 "O4'" B DG 15 ? ? "C1'" B DG 15 ? ? N9    B DG 15 ? ? 103.37 108.00 -4.63  0.70 N 
138 1 C4    B DG 15 ? ? C5    B DG 15 ? ? N7    B DG 15 ? ? 107.37 110.80 -3.43  0.40 N 
139 1 C6    B DG 15 ? ? C5    B DG 15 ? ? N7    B DG 15 ? ? 135.20 130.40 4.80   0.60 N 
140 1 N3    B DG 15 ? ? C2    B DG 15 ? ? N2    B DG 15 ? ? 112.24 119.90 -7.66  0.70 N 
141 1 OP1   B DC 16 ? ? P     B DC 16 ? ? OP2   B DC 16 ? ? 130.60 119.60 11.00  1.50 N 
142 1 "O4'" B DC 16 ? ? "C1'" B DC 16 ? ? "C2'" B DC 16 ? ? 99.92  105.90 -5.98  0.80 N 
143 1 C2    B DC 16 ? ? N3    B DC 16 ? ? C4    B DC 16 ? ? 123.25 119.90 3.35   0.50 N 
144 1 C5    B DC 16 ? ? C6    B DC 16 ? ? N1    B DC 16 ? ? 124.48 121.00 3.48   0.50 N 
145 1 N1    B DC 16 ? ? C2    B DC 16 ? ? O2    B DC 16 ? ? 123.41 118.90 4.51   0.60 N 
146 1 C6    B DC 16 ? ? N1    B DC 16 ? ? "C1'" B DC 16 ? ? 129.29 120.80 8.49   1.20 N 
147 1 C2    B DC 16 ? ? N1    B DC 16 ? ? "C1'" B DC 16 ? ? 109.75 118.80 -9.05  1.10 N 
148 1 "C3'" B DC 16 ? ? "O3'" B DC 16 ? ? P     B DC 17 ? ? 129.05 119.70 9.35   1.20 Y 
149 1 "O5'" B DC 17 ? ? "C5'" B DC 17 ? ? "C4'" B DC 17 ? ? 104.47 109.40 -4.93  0.80 N 
150 1 P     B DC 17 ? ? "O5'" B DC 17 ? ? "C5'" B DC 17 ? ? 130.70 120.90 9.80   1.60 N 
151 1 "C5'" B DC 17 ? ? "C4'" B DC 17 ? ? "O4'" B DC 17 ? ? 117.99 109.80 8.19   1.10 N 
152 1 N1    B DC 17 ? ? C2    B DC 17 ? ? O2    B DC 17 ? ? 115.00 118.90 -3.90  0.60 N 
153 1 N3    B DC 17 ? ? C2    B DC 17 ? ? O2    B DC 17 ? ? 128.00 121.90 6.10   0.70 N 
154 1 C2    B DC 17 ? ? N1    B DC 17 ? ? "C1'" B DC 17 ? ? 111.65 118.80 -7.15  1.10 N 
155 1 "C3'" B DC 17 ? ? "O3'" B DC 17 ? ? P     B DA 18 ? ? 110.77 119.70 -8.93  1.20 Y 
156 1 "O3'" B DC 17 ? ? P     B DA 18 ? ? "O5'" B DA 18 ? ? 87.24  104.00 -16.76 1.90 Y 
157 1 "O5'" B DA 18 ? ? P     B DA 18 ? ? OP1   B DA 18 ? ? 118.45 110.70 7.75   1.20 N 
158 1 "O5'" B DA 18 ? ? "C5'" B DA 18 ? ? "C4'" B DA 18 ? ? 104.52 109.40 -4.88  0.80 N 
159 1 "O4'" B DA 18 ? ? "C1'" B DA 18 ? ? N9    B DA 18 ? ? 110.20 108.30 1.90   0.30 N 
160 1 N1    B DA 18 ? ? C2    B DA 18 ? ? N3    B DA 18 ? ? 123.35 129.30 -5.95  0.50 N 
161 1 C4    B DA 18 ? ? C5    B DA 18 ? ? C6    B DA 18 ? ? 120.36 117.00 3.36   0.50 N 
162 1 C6    B DA 18 ? ? C5    B DA 18 ? ? N7    B DA 18 ? ? 127.97 132.30 -4.33  0.70 N 
163 1 "C3'" B DA 18 ? ? "O3'" B DA 18 ? ? P     B DT 19 ? ? 127.54 119.70 7.84   1.20 Y 
164 1 "O5'" B DT 19 ? ? P     B DT 19 ? ? OP2   B DT 19 ? ? 126.93 110.70 16.23  1.20 N 
165 1 "O4'" B DT 19 ? ? "C4'" B DT 19 ? ? "C3'" B DT 19 ? ? 101.40 104.50 -3.10  0.40 N 
166 1 "C1'" B DT 19 ? ? "O4'" B DT 19 ? ? "C4'" B DT 19 ? ? 102.17 110.10 -7.93  1.00 N 
167 1 "O4'" B DT 19 ? ? "C1'" B DT 19 ? ? N1    B DT 19 ? ? 100.12 108.00 -7.88  0.70 N 
168 1 C6    B DT 19 ? ? N1    B DT 19 ? ? C2    B DT 19 ? ? 118.30 121.30 -3.00  0.50 N 
169 1 C2    B DT 19 ? ? N3    B DT 19 ? ? C4    B DT 19 ? ? 121.82 127.20 -5.38  0.60 N 
170 1 N3    B DT 19 ? ? C4    B DT 19 ? ? C5    B DT 19 ? ? 120.97 115.20 5.77   0.60 N 
171 1 N3    B DT 19 ? ? C4    B DT 19 ? ? O4    B DT 19 ? ? 106.72 119.90 -13.18 0.60 N 
172 1 C5    B DT 19 ? ? C4    B DT 19 ? ? O4    B DT 19 ? ? 132.31 124.90 7.41   0.70 N 
173 1 "O3'" B DT 19 ? ? P     B DG 20 ? ? "O5'" B DG 20 ? ? 117.12 104.00 13.12  1.90 Y 
174 1 "O3'" B DT 19 ? ? P     B DG 20 ? ? OP1   B DG 20 ? ? 91.35  105.20 -13.85 2.20 Y 
175 1 OP1   B DG 20 ? ? P     B DG 20 ? ? OP2   B DG 20 ? ? 130.62 119.60 11.02  1.50 N 
176 1 "O5'" B DG 20 ? ? P     B DG 20 ? ? OP1   B DG 20 ? ? 98.64  105.70 -7.06  0.90 N 
177 1 P     B DG 20 ? ? "O5'" B DG 20 ? ? "C5'" B DG 20 ? ? 135.93 120.90 15.03  1.60 N 
178 1 N7    B DG 20 ? ? C8    B DG 20 ? ? N9    B DG 20 ? ? 116.94 113.10 3.84   0.50 N 
179 1 C8    B DG 20 ? ? N9    B DG 20 ? ? C4    B DG 20 ? ? 99.77  106.40 -6.63  0.40 N 
180 1 N9    B DG 20 ? ? C4    B DG 20 ? ? C5    B DG 20 ? ? 109.90 105.40 4.50   0.40 N 
181 1 N3    B DG 20 ? ? C4    B DG 20 ? ? N9    B DG 20 ? ? 121.09 126.00 -4.91  0.60 N 
182 1 N3    B DG 20 ? ? C2    B DG 20 ? ? N2    B DG 20 ? ? 112.89 119.90 -7.01  0.70 N 
# 
loop_
_refine_B_iso.class 
_refine_B_iso.details 
_refine_B_iso.treatment 
_refine_B_iso.pdbx_refine_id 
'ALL ATOMS'  TR isotropic 'X-RAY DIFFRACTION' 
'ALL WATERS' TR isotropic 'X-RAY DIFFRACTION' 
# 
loop_
_refine_occupancy.class 
_refine_occupancy.treatment 
_refine_occupancy.pdbx_refine_id 
'ALL ATOMS'  fix 'X-RAY DIFFRACTION' 
'ALL WATERS' fix 'X-RAY DIFFRACTION' 
# 
loop_
_chem_comp_atom.comp_id 
_chem_comp_atom.atom_id 
_chem_comp_atom.type_symbol 
_chem_comp_atom.pdbx_aromatic_flag 
_chem_comp_atom.pdbx_stereo_config 
_chem_comp_atom.pdbx_ordinal 
DA  OP3    O N N 1   
DA  P      P N N 2   
DA  OP1    O N N 3   
DA  OP2    O N N 4   
DA  "O5'"  O N N 5   
DA  "C5'"  C N N 6   
DA  "C4'"  C N R 7   
DA  "O4'"  O N N 8   
DA  "C3'"  C N S 9   
DA  "O3'"  O N N 10  
DA  "C2'"  C N N 11  
DA  "C1'"  C N R 12  
DA  N9     N Y N 13  
DA  C8     C Y N 14  
DA  N7     N Y N 15  
DA  C5     C Y N 16  
DA  C6     C Y N 17  
DA  N6     N N N 18  
DA  N1     N Y N 19  
DA  C2     C Y N 20  
DA  N3     N Y N 21  
DA  C4     C Y N 22  
DA  HOP3   H N N 23  
DA  HOP2   H N N 24  
DA  "H5'"  H N N 25  
DA  "H5''" H N N 26  
DA  "H4'"  H N N 27  
DA  "H3'"  H N N 28  
DA  "HO3'" H N N 29  
DA  "H2'"  H N N 30  
DA  "H2''" H N N 31  
DA  "H1'"  H N N 32  
DA  H8     H N N 33  
DA  H61    H N N 34  
DA  H62    H N N 35  
DA  H2     H N N 36  
DC  OP3    O N N 37  
DC  P      P N N 38  
DC  OP1    O N N 39  
DC  OP2    O N N 40  
DC  "O5'"  O N N 41  
DC  "C5'"  C N N 42  
DC  "C4'"  C N R 43  
DC  "O4'"  O N N 44  
DC  "C3'"  C N S 45  
DC  "O3'"  O N N 46  
DC  "C2'"  C N N 47  
DC  "C1'"  C N R 48  
DC  N1     N N N 49  
DC  C2     C N N 50  
DC  O2     O N N 51  
DC  N3     N N N 52  
DC  C4     C N N 53  
DC  N4     N N N 54  
DC  C5     C N N 55  
DC  C6     C N N 56  
DC  HOP3   H N N 57  
DC  HOP2   H N N 58  
DC  "H5'"  H N N 59  
DC  "H5''" H N N 60  
DC  "H4'"  H N N 61  
DC  "H3'"  H N N 62  
DC  "HO3'" H N N 63  
DC  "H2'"  H N N 64  
DC  "H2''" H N N 65  
DC  "H1'"  H N N 66  
DC  H41    H N N 67  
DC  H42    H N N 68  
DC  H5     H N N 69  
DC  H6     H N N 70  
DG  OP3    O N N 71  
DG  P      P N N 72  
DG  OP1    O N N 73  
DG  OP2    O N N 74  
DG  "O5'"  O N N 75  
DG  "C5'"  C N N 76  
DG  "C4'"  C N R 77  
DG  "O4'"  O N N 78  
DG  "C3'"  C N S 79  
DG  "O3'"  O N N 80  
DG  "C2'"  C N N 81  
DG  "C1'"  C N R 82  
DG  N9     N Y N 83  
DG  C8     C Y N 84  
DG  N7     N Y N 85  
DG  C5     C Y N 86  
DG  C6     C N N 87  
DG  O6     O N N 88  
DG  N1     N N N 89  
DG  C2     C N N 90  
DG  N2     N N N 91  
DG  N3     N N N 92  
DG  C4     C Y N 93  
DG  HOP3   H N N 94  
DG  HOP2   H N N 95  
DG  "H5'"  H N N 96  
DG  "H5''" H N N 97  
DG  "H4'"  H N N 98  
DG  "H3'"  H N N 99  
DG  "HO3'" H N N 100 
DG  "H2'"  H N N 101 
DG  "H2''" H N N 102 
DG  "H1'"  H N N 103 
DG  H8     H N N 104 
DG  H1     H N N 105 
DG  H21    H N N 106 
DG  H22    H N N 107 
DT  OP3    O N N 108 
DT  P      P N N 109 
DT  OP1    O N N 110 
DT  OP2    O N N 111 
DT  "O5'"  O N N 112 
DT  "C5'"  C N N 113 
DT  "C4'"  C N R 114 
DT  "O4'"  O N N 115 
DT  "C3'"  C N S 116 
DT  "O3'"  O N N 117 
DT  "C2'"  C N N 118 
DT  "C1'"  C N R 119 
DT  N1     N N N 120 
DT  C2     C N N 121 
DT  O2     O N N 122 
DT  N3     N N N 123 
DT  C4     C N N 124 
DT  O4     O N N 125 
DT  C5     C N N 126 
DT  C7     C N N 127 
DT  C6     C N N 128 
DT  HOP3   H N N 129 
DT  HOP2   H N N 130 
DT  "H5'"  H N N 131 
DT  "H5''" H N N 132 
DT  "H4'"  H N N 133 
DT  "H3'"  H N N 134 
DT  "HO3'" H N N 135 
DT  "H2'"  H N N 136 
DT  "H2''" H N N 137 
DT  "H1'"  H N N 138 
DT  H3     H N N 139 
DT  H71    H N N 140 
DT  H72    H N N 141 
DT  H73    H N N 142 
DT  H6     H N N 143 
HOH O      O N N 144 
HOH H1     H N N 145 
HOH H2     H N N 146 
# 
loop_
_chem_comp_bond.comp_id 
_chem_comp_bond.atom_id_1 
_chem_comp_bond.atom_id_2 
_chem_comp_bond.value_order 
_chem_comp_bond.pdbx_aromatic_flag 
_chem_comp_bond.pdbx_stereo_config 
_chem_comp_bond.pdbx_ordinal 
DA  OP3   P      sing N N 1   
DA  OP3   HOP3   sing N N 2   
DA  P     OP1    doub N N 3   
DA  P     OP2    sing N N 4   
DA  P     "O5'"  sing N N 5   
DA  OP2   HOP2   sing N N 6   
DA  "O5'" "C5'"  sing N N 7   
DA  "C5'" "C4'"  sing N N 8   
DA  "C5'" "H5'"  sing N N 9   
DA  "C5'" "H5''" sing N N 10  
DA  "C4'" "O4'"  sing N N 11  
DA  "C4'" "C3'"  sing N N 12  
DA  "C4'" "H4'"  sing N N 13  
DA  "O4'" "C1'"  sing N N 14  
DA  "C3'" "O3'"  sing N N 15  
DA  "C3'" "C2'"  sing N N 16  
DA  "C3'" "H3'"  sing N N 17  
DA  "O3'" "HO3'" sing N N 18  
DA  "C2'" "C1'"  sing N N 19  
DA  "C2'" "H2'"  sing N N 20  
DA  "C2'" "H2''" sing N N 21  
DA  "C1'" N9     sing N N 22  
DA  "C1'" "H1'"  sing N N 23  
DA  N9    C8     sing Y N 24  
DA  N9    C4     sing Y N 25  
DA  C8    N7     doub Y N 26  
DA  C8    H8     sing N N 27  
DA  N7    C5     sing Y N 28  
DA  C5    C6     sing Y N 29  
DA  C5    C4     doub Y N 30  
DA  C6    N6     sing N N 31  
DA  C6    N1     doub Y N 32  
DA  N6    H61    sing N N 33  
DA  N6    H62    sing N N 34  
DA  N1    C2     sing Y N 35  
DA  C2    N3     doub Y N 36  
DA  C2    H2     sing N N 37  
DA  N3    C4     sing Y N 38  
DC  OP3   P      sing N N 39  
DC  OP3   HOP3   sing N N 40  
DC  P     OP1    doub N N 41  
DC  P     OP2    sing N N 42  
DC  P     "O5'"  sing N N 43  
DC  OP2   HOP2   sing N N 44  
DC  "O5'" "C5'"  sing N N 45  
DC  "C5'" "C4'"  sing N N 46  
DC  "C5'" "H5'"  sing N N 47  
DC  "C5'" "H5''" sing N N 48  
DC  "C4'" "O4'"  sing N N 49  
DC  "C4'" "C3'"  sing N N 50  
DC  "C4'" "H4'"  sing N N 51  
DC  "O4'" "C1'"  sing N N 52  
DC  "C3'" "O3'"  sing N N 53  
DC  "C3'" "C2'"  sing N N 54  
DC  "C3'" "H3'"  sing N N 55  
DC  "O3'" "HO3'" sing N N 56  
DC  "C2'" "C1'"  sing N N 57  
DC  "C2'" "H2'"  sing N N 58  
DC  "C2'" "H2''" sing N N 59  
DC  "C1'" N1     sing N N 60  
DC  "C1'" "H1'"  sing N N 61  
DC  N1    C2     sing N N 62  
DC  N1    C6     sing N N 63  
DC  C2    O2     doub N N 64  
DC  C2    N3     sing N N 65  
DC  N3    C4     doub N N 66  
DC  C4    N4     sing N N 67  
DC  C4    C5     sing N N 68  
DC  N4    H41    sing N N 69  
DC  N4    H42    sing N N 70  
DC  C5    C6     doub N N 71  
DC  C5    H5     sing N N 72  
DC  C6    H6     sing N N 73  
DG  OP3   P      sing N N 74  
DG  OP3   HOP3   sing N N 75  
DG  P     OP1    doub N N 76  
DG  P     OP2    sing N N 77  
DG  P     "O5'"  sing N N 78  
DG  OP2   HOP2   sing N N 79  
DG  "O5'" "C5'"  sing N N 80  
DG  "C5'" "C4'"  sing N N 81  
DG  "C5'" "H5'"  sing N N 82  
DG  "C5'" "H5''" sing N N 83  
DG  "C4'" "O4'"  sing N N 84  
DG  "C4'" "C3'"  sing N N 85  
DG  "C4'" "H4'"  sing N N 86  
DG  "O4'" "C1'"  sing N N 87  
DG  "C3'" "O3'"  sing N N 88  
DG  "C3'" "C2'"  sing N N 89  
DG  "C3'" "H3'"  sing N N 90  
DG  "O3'" "HO3'" sing N N 91  
DG  "C2'" "C1'"  sing N N 92  
DG  "C2'" "H2'"  sing N N 93  
DG  "C2'" "H2''" sing N N 94  
DG  "C1'" N9     sing N N 95  
DG  "C1'" "H1'"  sing N N 96  
DG  N9    C8     sing Y N 97  
DG  N9    C4     sing Y N 98  
DG  C8    N7     doub Y N 99  
DG  C8    H8     sing N N 100 
DG  N7    C5     sing Y N 101 
DG  C5    C6     sing N N 102 
DG  C5    C4     doub Y N 103 
DG  C6    O6     doub N N 104 
DG  C6    N1     sing N N 105 
DG  N1    C2     sing N N 106 
DG  N1    H1     sing N N 107 
DG  C2    N2     sing N N 108 
DG  C2    N3     doub N N 109 
DG  N2    H21    sing N N 110 
DG  N2    H22    sing N N 111 
DG  N3    C4     sing N N 112 
DT  OP3   P      sing N N 113 
DT  OP3   HOP3   sing N N 114 
DT  P     OP1    doub N N 115 
DT  P     OP2    sing N N 116 
DT  P     "O5'"  sing N N 117 
DT  OP2   HOP2   sing N N 118 
DT  "O5'" "C5'"  sing N N 119 
DT  "C5'" "C4'"  sing N N 120 
DT  "C5'" "H5'"  sing N N 121 
DT  "C5'" "H5''" sing N N 122 
DT  "C4'" "O4'"  sing N N 123 
DT  "C4'" "C3'"  sing N N 124 
DT  "C4'" "H4'"  sing N N 125 
DT  "O4'" "C1'"  sing N N 126 
DT  "C3'" "O3'"  sing N N 127 
DT  "C3'" "C2'"  sing N N 128 
DT  "C3'" "H3'"  sing N N 129 
DT  "O3'" "HO3'" sing N N 130 
DT  "C2'" "C1'"  sing N N 131 
DT  "C2'" "H2'"  sing N N 132 
DT  "C2'" "H2''" sing N N 133 
DT  "C1'" N1     sing N N 134 
DT  "C1'" "H1'"  sing N N 135 
DT  N1    C2     sing N N 136 
DT  N1    C6     sing N N 137 
DT  C2    O2     doub N N 138 
DT  C2    N3     sing N N 139 
DT  N3    C4     sing N N 140 
DT  N3    H3     sing N N 141 
DT  C4    O4     doub N N 142 
DT  C4    C5     sing N N 143 
DT  C5    C7     sing N N 144 
DT  C5    C6     doub N N 145 
DT  C7    H71    sing N N 146 
DT  C7    H72    sing N N 147 
DT  C7    H73    sing N N 148 
DT  C6    H6     sing N N 149 
HOH O     H1     sing N N 150 
HOH O     H2     sing N N 151 
# 
_ndb_struct_conf_na.entry_id   126D 
_ndb_struct_conf_na.feature    'b-form double helix' 
# 
loop_
_ndb_struct_na_base_pair.model_number 
_ndb_struct_na_base_pair.i_label_asym_id 
_ndb_struct_na_base_pair.i_label_comp_id 
_ndb_struct_na_base_pair.i_label_seq_id 
_ndb_struct_na_base_pair.i_symmetry 
_ndb_struct_na_base_pair.j_label_asym_id 
_ndb_struct_na_base_pair.j_label_comp_id 
_ndb_struct_na_base_pair.j_label_seq_id 
_ndb_struct_na_base_pair.j_symmetry 
_ndb_struct_na_base_pair.shear 
_ndb_struct_na_base_pair.stretch 
_ndb_struct_na_base_pair.stagger 
_ndb_struct_na_base_pair.buckle 
_ndb_struct_na_base_pair.propeller 
_ndb_struct_na_base_pair.opening 
_ndb_struct_na_base_pair.pair_number 
_ndb_struct_na_base_pair.pair_name 
_ndb_struct_na_base_pair.i_auth_asym_id 
_ndb_struct_na_base_pair.i_auth_seq_id 
_ndb_struct_na_base_pair.i_PDB_ins_code 
_ndb_struct_na_base_pair.j_auth_asym_id 
_ndb_struct_na_base_pair.j_auth_seq_id 
_ndb_struct_na_base_pair.j_PDB_ins_code 
_ndb_struct_na_base_pair.hbond_type_28 
_ndb_struct_na_base_pair.hbond_type_12 
1 A DC 1  1_555 B DG 10 1_555 0.200  -0.146 -0.135 -8.846 -6.994  -2.402 1  A_DC1:DG20_B  A 1  ? B 20 ? 19 1 
1 A DA 2  1_555 B DT 9  1_555 0.177  -0.135 0.089  -5.863 -10.973 3.018  2  A_DA2:DT19_B  A 2  ? B 19 ? 20 1 
1 A DT 3  1_555 B DA 8  1_555 -0.647 -0.129 0.174  2.203  -5.785  -6.622 3  A_DT3:DA18_B  A 3  ? B 18 ? 20 1 
1 A DG 4  1_555 B DC 7  1_555 -0.402 -0.108 -0.088 0.249  -12.099 0.216  4  A_DG4:DC17_B  A 4  ? B 17 ? 19 1 
1 A DG 5  1_555 B DC 6  1_555 0.062  -0.280 0.493  5.064  -22.551 0.836  5  A_DG5:DC16_B  A 5  ? B 16 ? 19 1 
1 A DC 6  1_555 B DG 5  1_555 0.161  0.044  -0.037 -4.163 -16.275 3.469  6  A_DC6:DG15_B  A 6  ? B 15 ? 19 1 
1 A DC 7  1_555 B DG 4  1_555 -0.121 -0.300 0.115  -2.326 -8.637  -4.494 7  A_DC7:DG14_B  A 7  ? B 14 ? 19 1 
1 A DA 8  1_555 B DT 3  1_555 0.280  -0.039 0.026  4.320  -14.871 -0.811 8  A_DA8:DT13_B  A 8  ? B 13 ? 20 1 
1 A DT 9  1_555 B DA 2  1_555 0.053  -0.132 -0.216 1.024  -11.255 2.952  9  A_DT9:DA12_B  A 9  ? B 12 ? 20 1 
1 A DG 10 1_555 B DC 1  1_555 0.097  -0.384 -0.255 3.462  -11.867 -0.237 10 A_DG10:DC11_B A 10 ? B 11 ? 19 1 
# 
loop_
_ndb_struct_na_base_pair_step.model_number 
_ndb_struct_na_base_pair_step.i_label_asym_id_1 
_ndb_struct_na_base_pair_step.i_label_comp_id_1 
_ndb_struct_na_base_pair_step.i_label_seq_id_1 
_ndb_struct_na_base_pair_step.i_symmetry_1 
_ndb_struct_na_base_pair_step.j_label_asym_id_1 
_ndb_struct_na_base_pair_step.j_label_comp_id_1 
_ndb_struct_na_base_pair_step.j_label_seq_id_1 
_ndb_struct_na_base_pair_step.j_symmetry_1 
_ndb_struct_na_base_pair_step.i_label_asym_id_2 
_ndb_struct_na_base_pair_step.i_label_comp_id_2 
_ndb_struct_na_base_pair_step.i_label_seq_id_2 
_ndb_struct_na_base_pair_step.i_symmetry_2 
_ndb_struct_na_base_pair_step.j_label_asym_id_2 
_ndb_struct_na_base_pair_step.j_label_comp_id_2 
_ndb_struct_na_base_pair_step.j_label_seq_id_2 
_ndb_struct_na_base_pair_step.j_symmetry_2 
_ndb_struct_na_base_pair_step.shift 
_ndb_struct_na_base_pair_step.slide 
_ndb_struct_na_base_pair_step.rise 
_ndb_struct_na_base_pair_step.tilt 
_ndb_struct_na_base_pair_step.roll 
_ndb_struct_na_base_pair_step.twist 
_ndb_struct_na_base_pair_step.x_displacement 
_ndb_struct_na_base_pair_step.y_displacement 
_ndb_struct_na_base_pair_step.helical_rise 
_ndb_struct_na_base_pair_step.inclination 
_ndb_struct_na_base_pair_step.tip 
_ndb_struct_na_base_pair_step.helical_twist 
_ndb_struct_na_base_pair_step.step_number 
_ndb_struct_na_base_pair_step.step_name 
_ndb_struct_na_base_pair_step.i_auth_asym_id_1 
_ndb_struct_na_base_pair_step.i_auth_seq_id_1 
_ndb_struct_na_base_pair_step.i_PDB_ins_code_1 
_ndb_struct_na_base_pair_step.j_auth_asym_id_1 
_ndb_struct_na_base_pair_step.j_auth_seq_id_1 
_ndb_struct_na_base_pair_step.j_PDB_ins_code_1 
_ndb_struct_na_base_pair_step.i_auth_asym_id_2 
_ndb_struct_na_base_pair_step.i_auth_seq_id_2 
_ndb_struct_na_base_pair_step.i_PDB_ins_code_2 
_ndb_struct_na_base_pair_step.j_auth_asym_id_2 
_ndb_struct_na_base_pair_step.j_auth_seq_id_2 
_ndb_struct_na_base_pair_step.j_PDB_ins_code_2 
1 A DC 1 1_555 B DG 10 1_555 A DA 2  1_555 B DT 9 1_555 -0.153 1.072  3.290 -2.932 8.111  32.771 0.471  -0.233 3.450 14.075 5.088  
33.857 1 AA_DC1DA2:DT19DG20_BB  A 1 ? B 20 ? A 2  ? B 19 ? 
1 A DA 2 1_555 B DT 9  1_555 A DT 3  1_555 B DA 8 1_555 -0.426 0.027  3.211 -0.937 0.600  26.328 -0.099 0.687  3.224 1.316  2.057  
26.351 2 AA_DA2DT3:DA18DT19_BB  A 2 ? B 19 ? A 3  ? B 18 ? 
1 A DT 3 1_555 B DA 8  1_555 A DG 4  1_555 B DC 7 1_555 0.081  2.497  3.519 3.078  -5.329 50.612 3.288  0.128  3.257 -6.207 -3.586 
50.960 3 AA_DT3DG4:DC17DA18_BB  A 3 ? B 18 ? A 4  ? B 17 ? 
1 A DG 4 1_555 B DC 7  1_555 A DG 5  1_555 B DC 6 1_555 0.518  0.586  3.245 -6.308 6.694  33.473 -0.041 -1.834 3.154 11.358 10.703 
34.679 4 AA_DG4DG5:DC16DC17_BB  A 4 ? B 17 ? A 5  ? B 16 ? 
1 A DG 5 1_555 B DC 6  1_555 A DC 6  1_555 B DG 5 1_555 -0.173 -0.177 3.509 3.800  5.329  32.376 -1.275 0.992  3.395 9.438  -6.729 
33.014 5 AA_DG5DC6:DG15DC16_BB  A 5 ? B 16 ? A 6  ? B 15 ? 
1 A DC 6 1_555 B DG 5  1_555 A DC 7  1_555 B DG 4 1_555 -0.549 0.569  3.354 0.149  9.344  28.229 -0.960 1.105  3.363 18.528 -0.296 
29.706 6 AA_DC6DC7:DG14DG15_BB  A 6 ? B 15 ? A 7  ? B 14 ? 
1 A DC 7 1_555 B DG 4  1_555 A DA 8  1_555 B DT 3 1_555 0.234  2.886  3.107 2.357  -8.252 51.220 3.790  -0.127 2.651 -9.469 -2.704 
51.886 7 AA_DC7DA8:DT13DG14_BB  A 7 ? B 14 ? A 8  ? B 13 ? 
1 A DA 8 1_555 B DT 3  1_555 A DT 9  1_555 B DA 2 1_555 0.468  -0.190 3.398 1.814  6.023  26.897 -1.920 -0.523 3.302 12.728 -3.834 
27.609 8 AA_DA8DT9:DA12DT13_BB  A 8 ? B 13 ? A 9  ? B 12 ? 
1 A DT 9 1_555 B DA 2  1_555 A DG 10 1_555 B DC 1 1_555 0.239  0.698  3.381 -0.739 9.043  36.394 -0.170 -0.475 3.445 14.209 1.162  
37.471 9 AA_DT9DG10:DC11DA12_BB A 9 ? B 12 ? A 10 ? B 11 ? 
# 
_atom_sites.entry_id                    126D 
_atom_sites.fract_transf_matrix[1][1]   -0.01036581 
_atom_sites.fract_transf_matrix[1][2]   -0.00713010 
_atom_sites.fract_transf_matrix[1][3]   -0.02425290 
_atom_sites.fract_transf_matrix[2][1]   0.00131456 
_atom_sites.fract_transf_matrix[2][2]   0.02238623 
_atom_sites.fract_transf_matrix[2][3]   -0.00714317 
_atom_sites.fract_transf_matrix[3][1]   0.02662311 
_atom_sites.fract_transf_matrix[3][2]   -0.00474873 
_atom_sites.fract_transf_matrix[3][3]   -0.00998277 
_atom_sites.fract_transf_vector[1]      0.446790 
_atom_sites.fract_transf_vector[2]      0.246098 
_atom_sites.fract_transf_vector[3]      0.234657 
# 
loop_
_atom_type.symbol 
C 
N 
O 
P 
# 
loop_
_atom_site.group_PDB 
_atom_site.id 
_atom_site.type_symbol 
_atom_site.label_atom_id 
_atom_site.label_alt_id 
_atom_site.label_comp_id 
_atom_site.label_asym_id 
_atom_site.label_entity_id 
_atom_site.label_seq_id 
_atom_site.pdbx_PDB_ins_code 
_atom_site.Cartn_x 
_atom_site.Cartn_y 
_atom_site.Cartn_z 
_atom_site.occupancy 
_atom_site.B_iso_or_equiv 
_atom_site.pdbx_formal_charge 
_atom_site.auth_seq_id 
_atom_site.auth_comp_id 
_atom_site.auth_asym_id 
_atom_site.auth_atom_id 
_atom_site.pdbx_PDB_model_num 
ATOM   1   O "O5'" . DC  A 1 1  ? -13.226 5.987   12.171  1.00 27.84 ? 1  DC  A "O5'" 1 
ATOM   2   C "C5'" . DC  A 1 1  ? -14.452 5.137   12.080  1.00 33.84 ? 1  DC  A "C5'" 1 
ATOM   3   C "C4'" . DC  A 1 1  ? -14.021 3.751   11.919  1.00 17.02 ? 1  DC  A "C4'" 1 
ATOM   4   O "O4'" . DC  A 1 1  ? -14.194 3.176   10.646  1.00 22.76 ? 1  DC  A "O4'" 1 
ATOM   5   C "C3'" . DC  A 1 1  ? -12.499 3.480   12.178  1.00 24.77 ? 1  DC  A "C3'" 1 
ATOM   6   O "O3'" . DC  A 1 1  ? -12.419 2.226   12.867  1.00 30.18 ? 1  DC  A "O3'" 1 
ATOM   7   C "C2'" . DC  A 1 1  ? -11.893 3.557   10.763  1.00 32.05 ? 1  DC  A "C2'" 1 
ATOM   8   C "C1'" . DC  A 1 1  ? -12.940 2.797   9.924   1.00 21.46 ? 1  DC  A "C1'" 1 
ATOM   9   N N1    . DC  A 1 1  ? -13.213 3.503   8.670   1.00 21.90 ? 1  DC  A N1    1 
ATOM   10  C C2    . DC  A 1 1  ? -13.639 2.664   7.602   1.00 12.94 ? 1  DC  A C2    1 
ATOM   11  O O2    . DC  A 1 1  ? -13.752 1.492   7.788   1.00 15.06 ? 1  DC  A O2    1 
ATOM   12  N N3    . DC  A 1 1  ? -13.992 3.227   6.434   1.00 16.23 ? 1  DC  A N3    1 
ATOM   13  C C4    . DC  A 1 1  ? -13.825 4.587   6.202   1.00 9.96  ? 1  DC  A C4    1 
ATOM   14  N N4    . DC  A 1 1  ? -14.167 5.123   5.035   1.00 19.52 ? 1  DC  A N4    1 
ATOM   15  C C5    . DC  A 1 1  ? -13.368 5.426   7.293   1.00 17.03 ? 1  DC  A C5    1 
ATOM   16  C C6    . DC  A 1 1  ? -13.077 4.841   8.437   1.00 14.52 ? 1  DC  A C6    1 
ATOM   17  P P     . DA  A 1 2  ? -10.939 1.670   13.202  1.00 48.60 ? 2  DA  A P     1 
ATOM   18  O OP1   . DA  A 1 2  ? -10.950 1.328   14.689  1.00 53.19 ? 2  DA  A OP1   1 
ATOM   19  O OP2   . DA  A 1 2  ? -9.987  2.770   12.636  1.00 26.67 ? 2  DA  A OP2   1 
ATOM   20  O "O5'" . DA  A 1 2  ? -10.816 0.247   12.376  1.00 36.63 ? 2  DA  A "O5'" 1 
ATOM   21  C "C5'" . DA  A 1 2  ? -11.409 -0.040  11.060  1.00 34.39 ? 2  DA  A "C5'" 1 
ATOM   22  C "C4'" . DA  A 1 2  ? -10.942 -1.396  10.496  1.00 18.26 ? 2  DA  A "C4'" 1 
ATOM   23  O "O4'" . DA  A 1 2  ? -10.998 -1.071  9.151   1.00 15.67 ? 2  DA  A "O4'" 1 
ATOM   24  C "C3'" . DA  A 1 2  ? -9.381  -1.782  10.665  1.00 19.35 ? 2  DA  A "C3'" 1 
ATOM   25  O "O3'" . DA  A 1 2  ? -9.286  -3.211  10.668  1.00 16.58 ? 2  DA  A "O3'" 1 
ATOM   26  C "C2'" . DA  A 1 2  ? -8.714  -0.885  9.764   1.00 9.60  ? 2  DA  A "C2'" 1 
ATOM   27  C "C1'" . DA  A 1 2  ? -9.754  -0.801  8.684   1.00 11.60 ? 2  DA  A "C1'" 1 
ATOM   28  N N9    . DA  A 1 2  ? -9.840  0.575   8.180   1.00 11.09 ? 2  DA  A N9    1 
ATOM   29  C C8    . DA  A 1 2  ? -9.632  1.744   8.621   1.00 17.61 ? 2  DA  A C8    1 
ATOM   30  N N7    . DA  A 1 2  ? -9.836  2.759   7.801   1.00 18.21 ? 2  DA  A N7    1 
ATOM   31  C C5    . DA  A 1 2  ? -10.263 2.097   6.599   1.00 14.61 ? 2  DA  A C5    1 
ATOM   32  C C6    . DA  A 1 2  ? -10.678 2.604   5.370   1.00 12.93 ? 2  DA  A C6    1 
ATOM   33  N N6    . DA  A 1 2  ? -10.747 3.873   4.992   1.00 14.34 ? 2  DA  A N6    1 
ATOM   34  N N1    . DA  A 1 2  ? -11.113 1.726   4.456   1.00 7.38  ? 2  DA  A N1    1 
ATOM   35  C C2    . DA  A 1 2  ? -11.115 0.353   4.816   1.00 12.20 ? 2  DA  A C2    1 
ATOM   36  N N3    . DA  A 1 2  ? -10.687 -0.244  5.950   1.00 14.64 ? 2  DA  A N3    1 
ATOM   37  C C4    . DA  A 1 2  ? -10.290 0.739   6.820   1.00 10.45 ? 2  DA  A C4    1 
ATOM   38  P P     . DT  A 1 3  ? -7.848  -3.933  10.617  1.00 21.45 ? 3  DT  A P     1 
ATOM   39  O OP1   . DT  A 1 3  ? -8.171  -5.210  11.216  1.00 28.55 ? 3  DT  A OP1   1 
ATOM   40  O OP2   . DT  A 1 3  ? -6.825  -2.926  10.754  1.00 33.40 ? 3  DT  A OP2   1 
ATOM   41  O "O5'" . DT  A 1 3  ? -7.797  -4.152  8.874   1.00 29.41 ? 3  DT  A "O5'" 1 
ATOM   42  C "C5'" . DT  A 1 3  ? -8.610  -4.865  7.947   1.00 22.23 ? 3  DT  A "C5'" 1 
ATOM   43  C "C4'" . DT  A 1 3  ? -8.178  -4.637  6.487   1.00 20.25 ? 3  DT  A "C4'" 1 
ATOM   44  O "O4'" . DT  A 1 3  ? -8.274  -3.303  6.169   1.00 15.63 ? 3  DT  A "O4'" 1 
ATOM   45  C "C3'" . DT  A 1 3  ? -6.699  -4.968  6.311   1.00 14.74 ? 3  DT  A "C3'" 1 
ATOM   46  O "O3'" . DT  A 1 3  ? -6.399  -5.678  5.105   1.00 15.47 ? 3  DT  A "O3'" 1 
ATOM   47  C "C2'" . DT  A 1 3  ? -5.889  -3.607  6.414   1.00 7.20  ? 3  DT  A "C2'" 1 
ATOM   48  C "C1'" . DT  A 1 3  ? -6.965  -2.915  5.627   1.00 12.80 ? 3  DT  A "C1'" 1 
ATOM   49  N N1    . DT  A 1 3  ? -6.932  -1.502  5.664   1.00 10.93 ? 3  DT  A N1    1 
ATOM   50  C C2    . DT  A 1 3  ? -7.404  -0.987  4.448   1.00 13.82 ? 3  DT  A C2    1 
ATOM   51  O O2    . DT  A 1 3  ? -7.883  -1.590  3.531   1.00 14.62 ? 3  DT  A O2    1 
ATOM   52  N N3    . DT  A 1 3  ? -7.493  0.387   4.272   1.00 13.81 ? 3  DT  A N3    1 
ATOM   53  C C4    . DT  A 1 3  ? -7.075  1.136   5.350   1.00 16.90 ? 3  DT  A C4    1 
ATOM   54  O O4    . DT  A 1 3  ? -7.260  2.435   5.079   1.00 18.22 ? 3  DT  A O4    1 
ATOM   55  C C5    . DT  A 1 3  ? -6.512  0.556   6.508   1.00 6.01  ? 3  DT  A C5    1 
ATOM   56  C C7    . DT  A 1 3  ? -6.042  1.501   7.580   1.00 10.61 ? 3  DT  A C7    1 
ATOM   57  C C6    . DT  A 1 3  ? -6.468  -0.721  6.629   1.00 9.20  ? 3  DT  A C6    1 
ATOM   58  P P     . DG  A 1 4  ? -6.129  -7.224  5.156   1.00 16.88 ? 4  DG  A P     1 
ATOM   59  O OP1   . DG  A 1 4  ? -7.301  -7.741  5.937   1.00 21.07 ? 4  DG  A OP1   1 
ATOM   60  O OP2   . DG  A 1 4  ? -4.692  -7.399  5.389   1.00 32.18 ? 4  DG  A OP2   1 
ATOM   61  O "O5'" . DG  A 1 4  ? -6.320  -7.824  3.603   1.00 22.77 ? 4  DG  A "O5'" 1 
ATOM   62  C "C5'" . DG  A 1 4  ? -7.596  -7.349  3.037   1.00 14.00 ? 4  DG  A "C5'" 1 
ATOM   63  C "C4'" . DG  A 1 4  ? -7.324  -6.967  1.678   1.00 14.79 ? 4  DG  A "C4'" 1 
ATOM   64  O "O4'" . DG  A 1 4  ? -6.847  -5.629  1.303   1.00 13.91 ? 4  DG  A "O4'" 1 
ATOM   65  C "C3'" . DG  A 1 4  ? -6.329  -7.867  0.964   1.00 18.53 ? 4  DG  A "C3'" 1 
ATOM   66  O "O3'" . DG  A 1 4  ? -6.604  -7.862  -0.433  1.00 28.37 ? 4  DG  A "O3'" 1 
ATOM   67  C "C2'" . DG  A 1 4  ? -5.015  -7.024  1.240   1.00 9.29  ? 4  DG  A "C2'" 1 
ATOM   68  C "C1'" . DG  A 1 4  ? -5.485  -5.644  0.903   1.00 9.33  ? 4  DG  A "C1'" 1 
ATOM   69  N N9    . DG  A 1 4  ? -4.882  -4.605  1.848   1.00 11.06 ? 4  DG  A N9    1 
ATOM   70  C C8    . DG  A 1 4  ? -4.078  -4.821  2.942   1.00 10.30 ? 4  DG  A C8    1 
ATOM   71  N N7    . DG  A 1 4  ? -3.791  -3.756  3.521   1.00 9.39  ? 4  DG  A N7    1 
ATOM   72  C C5    . DG  A 1 4  ? -4.273  -2.717  2.794   1.00 0.00  ? 4  DG  A C5    1 
ATOM   73  C C6    . DG  A 1 4  ? -4.180  -1.336  2.967   1.00 11.99 ? 4  DG  A C6    1 
ATOM   74  O O6    . DG  A 1 4  ? -3.587  -0.570  3.782   1.00 12.81 ? 4  DG  A O6    1 
ATOM   75  N N1    . DG  A 1 4  ? -4.877  -0.661  1.958   1.00 14.58 ? 4  DG  A N1    1 
ATOM   76  C C2    . DG  A 1 4  ? -5.540  -1.283  0.897   1.00 12.13 ? 4  DG  A C2    1 
ATOM   77  N N2    . DG  A 1 4  ? -6.042  -0.444  0.028   1.00 12.81 ? 4  DG  A N2    1 
ATOM   78  N N3    . DG  A 1 4  ? -5.594  -2.533  0.736   1.00 8.92  ? 4  DG  A N3    1 
ATOM   79  C C4    . DG  A 1 4  ? -4.947  -3.228  1.781   1.00 4.04  ? 4  DG  A C4    1 
ATOM   80  P P     . DG  A 1 5  ? -5.893  -8.492  -1.813  1.00 29.01 ? 5  DG  A P     1 
ATOM   81  O OP1   . DG  A 1 5  ? -7.280  -8.944  -2.464  1.00 34.35 ? 5  DG  A OP1   1 
ATOM   82  O OP2   . DG  A 1 5  ? -5.038  -9.463  -1.155  1.00 24.44 ? 5  DG  A OP2   1 
ATOM   83  O "O5'" . DG  A 1 5  ? -5.230  -7.450  -2.724  1.00 22.22 ? 5  DG  A "O5'" 1 
ATOM   84  C "C5'" . DG  A 1 5  ? -5.524  -6.121  -2.156  1.00 40.23 ? 5  DG  A "C5'" 1 
ATOM   85  C "C4'" . DG  A 1 5  ? -5.200  -5.051  -3.055  1.00 37.73 ? 5  DG  A "C4'" 1 
ATOM   86  O "O4'" . DG  A 1 5  ? -4.757  -3.924  -2.380  1.00 26.36 ? 5  DG  A "O4'" 1 
ATOM   87  C "C3'" . DG  A 1 5  ? -3.972  -5.524  -4.043  1.00 32.71 ? 5  DG  A "C3'" 1 
ATOM   88  O "O3'" . DG  A 1 5  ? -4.330  -4.813  -5.227  1.00 52.73 ? 5  DG  A "O3'" 1 
ATOM   89  C "C2'" . DG  A 1 5  ? -2.855  -5.233  -3.208  1.00 27.26 ? 5  DG  A "C2'" 1 
ATOM   90  C "C1'" . DG  A 1 5  ? -3.329  -4.055  -2.415  1.00 22.74 ? 5  DG  A "C1'" 1 
ATOM   91  N N9    . DG  A 1 5  ? -2.631  -4.101  -1.113  1.00 18.27 ? 5  DG  A N9    1 
ATOM   92  C C8    . DG  A 1 5  ? -2.052  -5.060  -0.303  1.00 14.55 ? 5  DG  A C8    1 
ATOM   93  N N7    . DG  A 1 5  ? -1.426  -4.630  0.738   1.00 16.98 ? 5  DG  A N7    1 
ATOM   94  C C5    . DG  A 1 5  ? -1.561  -3.217  0.578   1.00 13.96 ? 5  DG  A C5    1 
ATOM   95  C C6    . DG  A 1 5  ? -1.210  -2.119  1.354   1.00 9.84  ? 5  DG  A C6    1 
ATOM   96  O O6    . DG  A 1 5  ? -0.524  -2.182  2.403   1.00 16.47 ? 5  DG  A O6    1 
ATOM   97  N N1    . DG  A 1 5  ? -1.531  -0.909  0.831   1.00 16.00 ? 5  DG  A N1    1 
ATOM   98  C C2    . DG  A 1 5  ? -2.198  -0.635  -0.267  1.00 17.07 ? 5  DG  A C2    1 
ATOM   99  N N2    . DG  A 1 5  ? -2.561  0.645   -0.591  1.00 12.99 ? 5  DG  A N2    1 
ATOM   100 N N3    . DG  A 1 5  ? -2.550  -1.676  -1.019  1.00 12.24 ? 5  DG  A N3    1 
ATOM   101 C C4    . DG  A 1 5  ? -2.254  -2.911  -0.576  1.00 4.13  ? 5  DG  A C4    1 
ATOM   102 P P     . DC  A 1 6  ? -3.908  -4.584  -6.796  1.00 47.52 ? 6  DC  A P     1 
ATOM   103 O OP1   . DC  A 1 6  ? -5.124  -4.244  -7.554  1.00 42.66 ? 6  DC  A OP1   1 
ATOM   104 O OP2   . DC  A 1 6  ? -3.212  -5.910  -6.962  1.00 36.99 ? 6  DC  A OP2   1 
ATOM   105 O "O5'" . DC  A 1 6  ? -2.752  -3.540  -6.561  1.00 28.58 ? 6  DC  A "O5'" 1 
ATOM   106 C "C5'" . DC  A 1 6  ? -3.271  -2.163  -6.287  1.00 24.76 ? 6  DC  A "C5'" 1 
ATOM   107 C "C4'" . DC  A 1 6  ? -1.921  -1.534  -6.071  1.00 24.04 ? 6  DC  A "C4'" 1 
ATOM   108 O "O4'" . DC  A 1 6  ? -1.432  -1.995  -4.808  1.00 22.23 ? 6  DC  A "O4'" 1 
ATOM   109 C "C3'" . DC  A 1 6  ? -0.717  -1.753  -7.053  1.00 18.10 ? 6  DC  A "C3'" 1 
ATOM   110 O "O3'" . DC  A 1 6  ? -0.907  -0.599  -7.909  1.00 23.63 ? 6  DC  A "O3'" 1 
ATOM   111 C "C2'" . DC  A 1 6  ? 0.440   -1.987  -6.160  1.00 20.04 ? 6  DC  A "C2'" 1 
ATOM   112 C "C1'" . DC  A 1 6  ? -0.103  -1.479  -4.824  1.00 17.30 ? 6  DC  A "C1'" 1 
ATOM   113 N N1    . DC  A 1 6  ? 0.385   -2.137  -3.602  1.00 14.60 ? 6  DC  A N1    1 
ATOM   114 C C2    . DC  A 1 6  ? 0.745   -1.177  -2.628  1.00 17.87 ? 6  DC  A C2    1 
ATOM   115 O O2    . DC  A 1 6  ? 0.746   0.073   -2.728  1.00 14.54 ? 6  DC  A O2    1 
ATOM   116 N N3    . DC  A 1 6  ? 1.184   -1.707  -1.505  1.00 13.31 ? 6  DC  A N3    1 
ATOM   117 C C4    . DC  A 1 6  ? 1.236   -3.096  -1.354  1.00 13.55 ? 6  DC  A C4    1 
ATOM   118 N N4    . DC  A 1 6  ? 1.712   -3.505  -0.283  1.00 20.67 ? 6  DC  A N4    1 
ATOM   119 C C5    . DC  A 1 6  ? 0.827   -4.024  -2.366  1.00 18.88 ? 6  DC  A C5    1 
ATOM   120 C C6    . DC  A 1 6  ? 0.386   -3.418  -3.502  1.00 12.82 ? 6  DC  A C6    1 
ATOM   121 P P     . DC  A 1 7  ? 0.233   -0.416  -9.114  1.00 27.54 ? 7  DC  A P     1 
ATOM   122 O OP1   . DC  A 1 7  ? -0.835  0.207   -9.921  1.00 20.75 ? 7  DC  A OP1   1 
ATOM   123 O OP2   . DC  A 1 7  ? 0.870   -1.744  -9.227  1.00 15.76 ? 7  DC  A OP2   1 
ATOM   124 O "O5'" . DC  A 1 7  ? 1.273   0.471   -8.232  1.00 18.69 ? 7  DC  A "O5'" 1 
ATOM   125 C "C5'" . DC  A 1 7  ? 1.208   1.808   -7.620  1.00 15.78 ? 7  DC  A "C5'" 1 
ATOM   126 C "C4'" . DC  A 1 7  ? 2.701   2.123   -7.144  1.00 15.03 ? 7  DC  A "C4'" 1 
ATOM   127 O "O4'" . DC  A 1 7  ? 3.011   1.248   -6.091  1.00 17.24 ? 7  DC  A "O4'" 1 
ATOM   128 C "C3'" . DC  A 1 7  ? 3.793   1.825   -8.227  1.00 16.79 ? 7  DC  A "C3'" 1 
ATOM   129 O "O3'" . DC  A 1 7  ? 4.625   2.899   -8.334  1.00 17.41 ? 7  DC  A "O3'" 1 
ATOM   130 C "C2'" . DC  A 1 7  ? 4.510   0.597   -7.814  1.00 13.85 ? 7  DC  A "C2'" 1 
ATOM   131 C "C1'" . DC  A 1 7  ? 4.321   0.776   -6.281  1.00 12.63 ? 7  DC  A "C1'" 1 
ATOM   132 N N1    . DC  A 1 7  ? 4.307   -0.307  -5.362  1.00 14.82 ? 7  DC  A N1    1 
ATOM   133 C C2    . DC  A 1 7  ? 4.646   0.032   -4.057  1.00 14.80 ? 7  DC  A C2    1 
ATOM   134 O O2    . DC  A 1 7  ? 5.053   1.204   -3.850  1.00 18.79 ? 7  DC  A O2    1 
ATOM   135 N N3    . DC  A 1 7  ? 4.696   -0.965  -3.097  1.00 11.06 ? 7  DC  A N3    1 
ATOM   136 C C4    . DC  A 1 7  ? 4.400   -2.219  -3.372  1.00 10.23 ? 7  DC  A C4    1 
ATOM   137 N N4    . DC  A 1 7  ? 4.305   -3.240  -2.529  1.00 9.07  ? 7  DC  A N4    1 
ATOM   138 C C5    . DC  A 1 7  ? 3.960   -2.584  -4.764  1.00 22.58 ? 7  DC  A C5    1 
ATOM   139 C C6    . DC  A 1 7  ? 3.952   -1.609  -5.660  1.00 16.91 ? 7  DC  A C6    1 
ATOM   140 P P     . DA  A 1 8  ? 5.167   3.908   -9.369  1.00 22.91 ? 8  DA  A P     1 
ATOM   141 O OP1   . DA  A 1 8  ? 4.021   4.529   -10.097 1.00 24.38 ? 8  DA  A OP1   1 
ATOM   142 O OP2   . DA  A 1 8  ? 6.019   2.984   -10.245 1.00 32.90 ? 8  DA  A OP2   1 
ATOM   143 O "O5'" . DA  A 1 8  ? 6.069   5.176   -8.812  1.00 25.25 ? 8  DA  A "O5'" 1 
ATOM   144 C "C5'" . DA  A 1 8  ? 5.643   5.929   -7.640  1.00 25.40 ? 8  DA  A "C5'" 1 
ATOM   145 C "C4'" . DA  A 1 8  ? 6.651   6.039   -6.576  1.00 20.33 ? 8  DA  A "C4'" 1 
ATOM   146 O "O4'" . DA  A 1 8  ? 6.946   4.883   -5.872  1.00 21.49 ? 8  DA  A "O4'" 1 
ATOM   147 C "C3'" . DA  A 1 8  ? 7.999   6.445   -7.182  1.00 20.77 ? 8  DA  A "C3'" 1 
ATOM   148 O "O3'" . DA  A 1 8  ? 8.374   7.456   -6.241  1.00 26.15 ? 8  DA  A "O3'" 1 
ATOM   149 C "C2'" . DA  A 1 8  ? 8.747   5.164   -7.351  1.00 11.34 ? 8  DA  A "C2'" 1 
ATOM   150 C "C1'" . DA  A 1 8  ? 8.278   4.403   -6.209  1.00 10.09 ? 8  DA  A "C1'" 1 
ATOM   151 N N9    . DA  A 1 8  ? 8.152   2.937   -6.529  1.00 7.98  ? 8  DA  A N9    1 
ATOM   152 C C8    . DA  A 1 8  ? 8.080   2.333   -7.805  1.00 11.12 ? 8  DA  A C8    1 
ATOM   153 N N7    . DA  A 1 8  ? 8.003   1.024   -7.639  1.00 16.01 ? 8  DA  A N7    1 
ATOM   154 C C5    . DA  A 1 8  ? 7.986   0.777   -6.302  1.00 10.10 ? 8  DA  A C5    1 
ATOM   155 C C6    . DA  A 1 8  ? 7.884   -0.392  -5.530  1.00 17.20 ? 8  DA  A C6    1 
ATOM   156 N N6    . DA  A 1 8  ? 7.714   -1.675  -5.873  1.00 17.40 ? 8  DA  A N6    1 
ATOM   157 N N1    . DA  A 1 8  ? 7.871   -0.250  -4.148  1.00 16.92 ? 8  DA  A N1    1 
ATOM   158 C C2    . DA  A 1 8  ? 8.001   1.013   -3.639  1.00 16.28 ? 8  DA  A C2    1 
ATOM   159 N N3    . DA  A 1 8  ? 8.058   2.117   -4.285  1.00 17.79 ? 8  DA  A N3    1 
ATOM   160 C C4    . DA  A 1 8  ? 8.101   1.958   -5.646  1.00 1.30  ? 8  DA  A C4    1 
ATOM   161 P P     . DT  A 1 9  ? 9.827   8.201   -6.467  1.00 21.97 ? 9  DT  A P     1 
ATOM   162 O OP1   . DT  A 1 9  ? 9.561   9.446   -5.808  1.00 25.50 ? 9  DT  A OP1   1 
ATOM   163 O OP2   . DT  A 1 9  ? 10.367  8.175   -7.849  1.00 25.75 ? 9  DT  A OP2   1 
ATOM   164 O "O5'" . DT  A 1 9  ? 10.661  7.138   -5.501  1.00 22.36 ? 9  DT  A "O5'" 1 
ATOM   165 C "C5'" . DT  A 1 9  ? 10.792  7.036   -4.101  1.00 18.98 ? 9  DT  A "C5'" 1 
ATOM   166 C "C4'" . DT  A 1 9  ? 11.565  5.771   -3.794  1.00 15.20 ? 9  DT  A "C4'" 1 
ATOM   167 O "O4'" . DT  A 1 9  ? 11.279  4.666   -4.580  1.00 23.04 ? 9  DT  A "O4'" 1 
ATOM   168 C "C3'" . DT  A 1 9  ? 13.067  5.727   -3.963  1.00 28.02 ? 9  DT  A "C3'" 1 
ATOM   169 O "O3'" . DT  A 1 9  ? 13.677  6.293   -2.805  1.00 29.95 ? 9  DT  A "O3'" 1 
ATOM   170 C "C2'" . DT  A 1 9  ? 13.443  4.192   -4.084  1.00 25.76 ? 9  DT  A "C2'" 1 
ATOM   171 C "C1'" . DT  A 1 9  ? 12.114  3.598   -4.162  1.00 19.13 ? 9  DT  A "C1'" 1 
ATOM   172 N N1    . DT  A 1 9  ? 11.855  2.527   -5.101  1.00 21.89 ? 9  DT  A N1    1 
ATOM   173 C C2    . DT  A 1 9  ? 11.618  1.295   -4.567  1.00 11.84 ? 9  DT  A C2    1 
ATOM   174 O O2    . DT  A 1 9  ? 11.632  1.160   -3.325  1.00 15.88 ? 9  DT  A O2    1 
ATOM   175 N N3    . DT  A 1 9  ? 11.349  0.289   -5.406  1.00 15.32 ? 9  DT  A N3    1 
ATOM   176 C C4    . DT  A 1 9  ? 11.232  0.426   -6.765  1.00 14.72 ? 9  DT  A C4    1 
ATOM   177 O O4    . DT  A 1 9  ? 10.883  -0.660  -7.389  1.00 21.51 ? 9  DT  A O4    1 
ATOM   178 C C5    . DT  A 1 9  ? 11.473  1.703   -7.280  1.00 18.03 ? 9  DT  A C5    1 
ATOM   179 C C7    . DT  A 1 9  ? 11.364  2.029   -8.769  1.00 17.69 ? 9  DT  A C7    1 
ATOM   180 C C6    . DT  A 1 9  ? 11.722  2.701   -6.460  1.00 19.86 ? 9  DT  A C6    1 
ATOM   181 P P     . DG  A 1 10 ? 15.241  6.611   -2.822  1.00 29.31 ? 10 DG  A P     1 
ATOM   182 O OP1   . DG  A 1 10 ? 14.942  7.926   -2.284  1.00 32.87 ? 10 DG  A OP1   1 
ATOM   183 O OP2   . DG  A 1 10 ? 15.791  7.186   -4.182  1.00 23.10 ? 10 DG  A OP2   1 
ATOM   184 O "O5'" . DG  A 1 10 ? 15.719  5.290   -2.241  1.00 28.85 ? 10 DG  A "O5'" 1 
ATOM   185 C "C5'" . DG  A 1 10 ? 15.442  4.755   -0.944  1.00 21.04 ? 10 DG  A "C5'" 1 
ATOM   186 C "C4'" . DG  A 1 10 ? 15.902  3.353   -0.761  1.00 25.32 ? 10 DG  A "C4'" 1 
ATOM   187 O "O4'" . DG  A 1 10 ? 15.264  2.532   -1.702  1.00 24.81 ? 10 DG  A "O4'" 1 
ATOM   188 C "C3'" . DG  A 1 10 ? 17.435  3.096   -0.920  1.00 26.57 ? 10 DG  A "C3'" 1 
ATOM   189 O "O3'" . DG  A 1 10 ? 17.947  2.247   0.109   1.00 26.04 ? 10 DG  A "O3'" 1 
ATOM   190 C "C2'" . DG  A 1 10 ? 17.546  2.512   -2.309  1.00 19.39 ? 10 DG  A "C2'" 1 
ATOM   191 C "C1'" . DG  A 1 10 ? 16.230  1.737   -2.334  1.00 21.86 ? 10 DG  A "C1'" 1 
ATOM   192 N N9    . DG  A 1 10 ? 15.783  1.463   -3.737  1.00 19.83 ? 10 DG  A N9    1 
ATOM   193 C C8    . DG  A 1 10 ? 15.701  2.308   -4.858  1.00 18.64 ? 10 DG  A C8    1 
ATOM   194 N N7    . DG  A 1 10 ? 15.301  1.708   -5.932  1.00 15.34 ? 10 DG  A N7    1 
ATOM   195 C C5    . DG  A 1 10 ? 15.036  0.402   -5.494  1.00 10.61 ? 10 DG  A C5    1 
ATOM   196 C C6    . DG  A 1 10 ? 14.540  -0.707  -6.089  1.00 9.19  ? 10 DG  A C6    1 
ATOM   197 O O6    . DG  A 1 10 ? 14.302  -0.771  -7.275  1.00 22.60 ? 10 DG  A O6    1 
ATOM   198 N N1    . DG  A 1 10 ? 14.425  -1.752  -5.328  1.00 11.43 ? 10 DG  A N1    1 
ATOM   199 C C2    . DG  A 1 10 ? 14.747  -1.851  -4.040  1.00 17.18 ? 10 DG  A C2    1 
ATOM   200 N N2    . DG  A 1 10 ? 14.639  -2.992  -3.296  1.00 17.42 ? 10 DG  A N2    1 
ATOM   201 N N3    . DG  A 1 10 ? 15.256  -0.853  -3.379  1.00 20.72 ? 10 DG  A N3    1 
ATOM   202 C C4    . DG  A 1 10 ? 15.398  0.284   -4.171  1.00 13.21 ? 10 DG  A C4    1 
ATOM   203 O "O5'" . DC  B 1 1  ? 14.028  -8.210  -8.324  1.00 67.78 ? 11 DC  B "O5'" 1 
ATOM   204 C "C5'" . DC  B 1 1  ? 14.054  -9.611  -7.779  1.00 53.20 ? 11 DC  B "C5'" 1 
ATOM   205 C "C4'" . DC  B 1 1  ? 14.450  -9.705  -6.337  1.00 42.85 ? 11 DC  B "C4'" 1 
ATOM   206 O "O4'" . DC  B 1 1  ? 14.991  -8.460  -5.878  1.00 40.49 ? 11 DC  B "O4'" 1 
ATOM   207 C "C3'" . DC  B 1 1  ? 13.308  -9.947  -5.290  1.00 43.45 ? 11 DC  B "C3'" 1 
ATOM   208 O "O3'" . DC  B 1 1  ? 13.715  -10.361 -3.979  1.00 35.34 ? 11 DC  B "O3'" 1 
ATOM   209 C "C2'" . DC  B 1 1  ? 12.630  -8.572  -5.389  1.00 24.30 ? 11 DC  B "C2'" 1 
ATOM   210 C "C1'" . DC  B 1 1  ? 13.838  -7.687  -5.473  1.00 26.93 ? 11 DC  B "C1'" 1 
ATOM   211 N N1    . DC  B 1 1  ? 13.652  -6.509  -6.309  1.00 24.89 ? 11 DC  B N1    1 
ATOM   212 C C2    . DC  B 1 1  ? 14.119  -5.360  -5.688  1.00 17.30 ? 11 DC  B C2    1 
ATOM   213 O O2    . DC  B 1 1  ? 14.676  -5.530  -4.635  1.00 14.67 ? 11 DC  B O2    1 
ATOM   214 N N3    . DC  B 1 1  ? 13.971  -4.217  -6.389  1.00 21.55 ? 11 DC  B N3    1 
ATOM   215 C C4    . DC  B 1 1  ? 13.362  -4.258  -7.651  1.00 20.74 ? 11 DC  B C4    1 
ATOM   216 N N4    . DC  B 1 1  ? 13.305  -3.025  -8.248  1.00 29.02 ? 11 DC  B N4    1 
ATOM   217 C C5    . DC  B 1 1  ? 12.894  -5.418  -8.280  1.00 18.35 ? 11 DC  B C5    1 
ATOM   218 C C6    . DC  B 1 1  ? 13.071  -6.509  -7.549  1.00 25.05 ? 11 DC  B C6    1 
ATOM   219 P P     . DA  B 1 2  ? 12.646  -10.636 -2.810  1.00 37.38 ? 12 DA  B P     1 
ATOM   220 O OP1   . DA  B 1 2  ? 13.150  -11.901 -2.217  1.00 34.39 ? 12 DA  B OP1   1 
ATOM   221 O OP2   . DA  B 1 2  ? 11.248  -10.280 -3.113  1.00 35.98 ? 12 DA  B OP2   1 
ATOM   222 O "O5'" . DA  B 1 2  ? 13.145  -9.580  -1.635  1.00 20.85 ? 12 DA  B "O5'" 1 
ATOM   223 C "C5'" . DA  B 1 2  ? 13.408  -8.225  -1.935  1.00 22.76 ? 12 DA  B "C5'" 1 
ATOM   224 C "C4'" . DA  B 1 2  ? 13.207  -7.413  -0.686  1.00 19.70 ? 12 DA  B "C4'" 1 
ATOM   225 O "O4'" . DA  B 1 2  ? 12.762  -6.158  -0.907  1.00 24.37 ? 12 DA  B "O4'" 1 
ATOM   226 C "C3'" . DA  B 1 2  ? 12.023  -7.987  0.269   1.00 19.61 ? 12 DA  B "C3'" 1 
ATOM   227 O "O3'" . DA  B 1 2  ? 12.183  -7.293  1.464   1.00 26.40 ? 12 DA  B "O3'" 1 
ATOM   228 C "C2'" . DA  B 1 2  ? 10.853  -7.604  -0.552  1.00 18.18 ? 12 DA  B "C2'" 1 
ATOM   229 C "C1'" . DA  B 1 2  ? 11.277  -6.227  -0.908  1.00 18.82 ? 12 DA  B "C1'" 1 
ATOM   230 N N9    . DA  B 1 2  ? 10.948  -5.752  -2.279  1.00 16.02 ? 12 DA  B N9    1 
ATOM   231 C C8    . DA  B 1 2  ? 10.465  -6.513  -3.366  1.00 22.54 ? 12 DA  B C8    1 
ATOM   232 N N7    . DA  B 1 2  ? 10.299  -5.842  -4.458  1.00 19.63 ? 12 DA  B N7    1 
ATOM   233 C C5    . DA  B 1 2  ? 10.728  -4.541  -4.124  1.00 19.25 ? 12 DA  B C5    1 
ATOM   234 C C6    . DA  B 1 2  ? 10.801  -3.351  -4.889  1.00 20.02 ? 12 DA  B C6    1 
ATOM   235 N N6    . DA  B 1 2  ? 10.372  -3.318  -6.166  1.00 22.48 ? 12 DA  B N6    1 
ATOM   236 N N1    . DA  B 1 2  ? 11.299  -2.269  -4.274  1.00 18.84 ? 12 DA  B N1    1 
ATOM   237 C C2    . DA  B 1 2  ? 11.615  -2.408  -2.903  1.00 16.78 ? 12 DA  B C2    1 
ATOM   238 N N3    . DA  B 1 2  ? 11.664  -3.458  -2.113  1.00 13.66 ? 12 DA  B N3    1 
ATOM   239 C C4    . DA  B 1 2  ? 11.143  -4.514  -2.760  1.00 14.60 ? 12 DA  B C4    1 
ATOM   240 P P     . DT  B 1 3  ? 11.208  -7.130  2.735   1.00 28.68 ? 13 DT  B P     1 
ATOM   241 O OP1   . DT  B 1 3  ? 12.107  -7.394  3.765   1.00 32.36 ? 13 DT  B OP1   1 
ATOM   242 O OP2   . DT  B 1 3  ? 10.099  -8.202  2.712   1.00 44.69 ? 13 DT  B OP2   1 
ATOM   243 O "O5'" . DT  B 1 3  ? 10.542  -5.699  2.852   1.00 19.81 ? 13 DT  B "O5'" 1 
ATOM   244 C "C5'" . DT  B 1 3  ? 11.327  -4.506  2.956   1.00 17.55 ? 13 DT  B "C5'" 1 
ATOM   245 C "C4'" . DT  B 1 3  ? 10.294  -3.470  2.764   1.00 12.31 ? 13 DT  B "C4'" 1 
ATOM   246 O "O4'" . DT  B 1 3  ? 10.006  -3.324  1.487   1.00 17.80 ? 13 DT  B "O4'" 1 
ATOM   247 C "C3'" . DT  B 1 3  ? 8.878   -3.771  3.478   1.00 16.53 ? 13 DT  B "C3'" 1 
ATOM   248 O "O3'" . DT  B 1 3  ? 8.783   -2.610  4.315   1.00 26.79 ? 13 DT  B "O3'" 1 
ATOM   249 C "C2'" . DT  B 1 3  ? 7.987   -3.909  2.320   1.00 19.37 ? 13 DT  B "C2'" 1 
ATOM   250 C "C1'" . DT  B 1 3  ? 8.664   -2.990  1.254   1.00 6.25  ? 13 DT  B "C1'" 1 
ATOM   251 N N1    . DT  B 1 3  ? 8.291   -3.226  -0.089  1.00 8.68  ? 13 DT  B N1    1 
ATOM   252 C C2    . DT  B 1 3  ? 8.345   -2.228  -0.941  1.00 9.36  ? 13 DT  B C2    1 
ATOM   253 O O2    . DT  B 1 3  ? 8.731   -1.157  -0.522  1.00 14.49 ? 13 DT  B O2    1 
ATOM   254 N N3    . DT  B 1 3  ? 7.967   -2.414  -2.222  1.00 13.69 ? 13 DT  B N3    1 
ATOM   255 C C4    . DT  B 1 3  ? 7.595   -3.611  -2.712  1.00 18.87 ? 13 DT  B C4    1 
ATOM   256 O O4    . DT  B 1 3  ? 7.298   -3.701  -4.026  1.00 22.14 ? 13 DT  B O4    1 
ATOM   257 C C5    . DT  B 1 3  ? 7.564   -4.701  -1.847  1.00 12.69 ? 13 DT  B C5    1 
ATOM   258 C C7    . DT  B 1 3  ? 7.206   -6.069  -2.294  1.00 14.31 ? 13 DT  B C7    1 
ATOM   259 C C6    . DT  B 1 3  ? 7.946   -4.492  -0.579  1.00 18.37 ? 13 DT  B C6    1 
ATOM   260 P P     . DG  B 1 4  ? 8.473   -2.497  5.899   1.00 20.34 ? 14 DG  B P     1 
ATOM   261 O OP1   . DG  B 1 4  ? 9.616   -3.362  6.353   1.00 26.30 ? 14 DG  B OP1   1 
ATOM   262 O OP2   . DG  B 1 4  ? 7.304   -3.394  6.105   1.00 18.47 ? 14 DG  B OP2   1 
ATOM   263 O "O5'" . DG  B 1 4  ? 8.538   -0.955  6.122   1.00 11.19 ? 14 DG  B "O5'" 1 
ATOM   264 C "C5'" . DG  B 1 4  ? 9.463   -0.167  5.657   1.00 7.99  ? 14 DG  B "C5'" 1 
ATOM   265 C "C4'" . DG  B 1 4  ? 8.879   1.135   5.314   1.00 12.84 ? 14 DG  B "C4'" 1 
ATOM   266 O "O4'" . DG  B 1 4  ? 8.339   1.356   4.020   1.00 16.65 ? 14 DG  B "O4'" 1 
ATOM   267 C "C3'" . DG  B 1 4  ? 7.787   1.731   6.145   1.00 15.49 ? 14 DG  B "C3'" 1 
ATOM   268 O "O3'" . DG  B 1 4  ? 8.150   3.167   6.107   1.00 23.63 ? 14 DG  B "O3'" 1 
ATOM   269 C "C2'" . DG  B 1 4  ? 6.528   1.593   5.367   1.00 16.09 ? 14 DG  B "C2'" 1 
ATOM   270 C "C1'" . DG  B 1 4  ? 6.919   1.444   3.965   1.00 10.60 ? 14 DG  B "C1'" 1 
ATOM   271 N N9    . DG  B 1 4  ? 6.341   0.262   3.249   1.00 8.74  ? 14 DG  B N9    1 
ATOM   272 C C8    . DG  B 1 4  ? 5.946   -0.960  3.657   1.00 7.07  ? 14 DG  B C8    1 
ATOM   273 N N7    . DG  B 1 4  ? 5.489   -1.824  2.911   1.00 11.38 ? 14 DG  B N7    1 
ATOM   274 C C5    . DG  B 1 4  ? 5.557   -1.130  1.779   1.00 12.26 ? 14 DG  B C5    1 
ATOM   275 C C6    . DG  B 1 4  ? 5.226   -1.548  0.436   1.00 8.66  ? 14 DG  B C6    1 
ATOM   276 O O6    . DG  B 1 4  ? 4.796   -2.604  0.072   1.00 8.26  ? 14 DG  B O6    1 
ATOM   277 N N1    . DG  B 1 4  ? 5.332   -0.528  -0.450  1.00 4.54  ? 14 DG  B N1    1 
ATOM   278 C C2    . DG  B 1 4  ? 5.820   0.688   -0.147  1.00 19.83 ? 14 DG  B C2    1 
ATOM   279 N N2    . DG  B 1 4  ? 5.879   1.430   -1.185  1.00 14.75 ? 14 DG  B N2    1 
ATOM   280 N N3    . DG  B 1 4  ? 6.291   1.184   1.103   1.00 9.04  ? 14 DG  B N3    1 
ATOM   281 C C4    . DG  B 1 4  ? 6.054   0.141   1.989   1.00 7.51  ? 14 DG  B C4    1 
ATOM   282 P P     . DG  B 1 5  ? 7.354   4.203   7.091   1.00 20.17 ? 15 DG  B P     1 
ATOM   283 O OP1   . DG  B 1 5  ? 8.020   5.459   7.118   1.00 23.51 ? 15 DG  B OP1   1 
ATOM   284 O OP2   . DG  B 1 5  ? 6.530   3.319   7.979   1.00 18.36 ? 15 DG  B OP2   1 
ATOM   285 O "O5'" . DG  B 1 5  ? 6.064   4.436   6.044   1.00 23.75 ? 15 DG  B "O5'" 1 
ATOM   286 C "C5'" . DG  B 1 5  ? 6.262   5.542   5.124   1.00 29.51 ? 15 DG  B "C5'" 1 
ATOM   287 C "C4'" . DG  B 1 5  ? 5.314   5.509   3.881   1.00 20.71 ? 15 DG  B "C4'" 1 
ATOM   288 O "O4'" . DG  B 1 5  ? 4.932   4.328   3.315   1.00 17.87 ? 15 DG  B "O4'" 1 
ATOM   289 C "C3'" . DG  B 1 5  ? 3.979   6.152   4.374   1.00 16.29 ? 15 DG  B "C3'" 1 
ATOM   290 O "O3'" . DG  B 1 5  ? 3.870   7.344   3.596   1.00 11.63 ? 15 DG  B "O3'" 1 
ATOM   291 C "C2'" . DG  B 1 5  ? 3.087   4.997   4.398   1.00 13.57 ? 15 DG  B "C2'" 1 
ATOM   292 C "C1'" . DG  B 1 5  ? 3.541   4.231   3.229   1.00 12.80 ? 15 DG  B "C1'" 1 
ATOM   293 N N9    . DG  B 1 5  ? 3.290   2.790   3.385   1.00 12.48 ? 15 DG  B N9    1 
ATOM   294 C C8    . DG  B 1 5  ? 3.246   2.017   4.427   1.00 6.38  ? 15 DG  B C8    1 
ATOM   295 N N7    . DG  B 1 5  ? 2.900   0.787   4.190   1.00 10.05 ? 15 DG  B N7    1 
ATOM   296 C C5    . DG  B 1 5  ? 2.727   0.736   2.820   1.00 12.43 ? 15 DG  B C5    1 
ATOM   297 C C6    . DG  B 1 5  ? 2.416   -0.295  1.870   1.00 10.19 ? 15 DG  B C6    1 
ATOM   298 O O6    . DG  B 1 5  ? 2.135   -1.476  2.123   1.00 12.73 ? 15 DG  B O6    1 
ATOM   299 N N1    . DG  B 1 5  ? 2.256   0.146   0.662   1.00 7.64  ? 15 DG  B N1    1 
ATOM   300 C C2    . DG  B 1 5  ? 2.435   1.452   0.280   1.00 11.91 ? 15 DG  B C2    1 
ATOM   301 N N2    . DG  B 1 5  ? 2.373   1.796   -1.031  1.00 15.17 ? 15 DG  B N2    1 
ATOM   302 N N3    . DG  B 1 5  ? 2.827   2.436   1.028   1.00 18.01 ? 15 DG  B N3    1 
ATOM   303 C C4    . DG  B 1 5  ? 2.942   2.009   2.329   1.00 11.97 ? 15 DG  B C4    1 
ATOM   304 P P     . DC  B 1 6  ? 2.569   8.236   3.800   1.00 18.52 ? 16 DC  B P     1 
ATOM   305 O OP1   . DC  B 1 6  ? 3.061   9.421   3.266   1.00 15.51 ? 16 DC  B OP1   1 
ATOM   306 O OP2   . DC  B 1 6  ? 1.951   7.951   5.132   1.00 26.42 ? 16 DC  B OP2   1 
ATOM   307 O "O5'" . DC  B 1 6  ? 1.460   7.648   2.735   1.00 22.55 ? 16 DC  B "O5'" 1 
ATOM   308 C "C5'" . DC  B 1 6  ? 1.903   7.456   1.234   1.00 24.19 ? 16 DC  B "C5'" 1 
ATOM   309 C "C4'" . DC  B 1 6  ? 0.776   6.706   0.578   1.00 10.90 ? 16 DC  B "C4'" 1 
ATOM   310 O "O4'" . DC  B 1 6  ? 0.869   5.513   1.323   1.00 15.51 ? 16 DC  B "O4'" 1 
ATOM   311 C "C3'" . DC  B 1 6  ? -0.550  7.297   0.956   1.00 8.18  ? 16 DC  B "C3'" 1 
ATOM   312 O "O3'" . DC  B 1 6  ? -1.052  7.958   -0.216  1.00 27.60 ? 16 DC  B "O3'" 1 
ATOM   313 C "C2'" . DC  B 1 6  ? -1.213  6.121   1.503   1.00 11.35 ? 16 DC  B "C2'" 1 
ATOM   314 C "C1'" . DC  B 1 6  ? -0.388  4.939   1.269   1.00 18.01 ? 16 DC  B "C1'" 1 
ATOM   315 N N1    . DC  B 1 6  ? -0.414  3.764   2.170   1.00 19.55 ? 16 DC  B N1    1 
ATOM   316 C C2    . DC  B 1 6  ? -0.864  2.585   1.432   1.00 17.41 ? 16 DC  B C2    1 
ATOM   317 O O2    . DC  B 1 6  ? -1.150  2.605   0.269   1.00 17.98 ? 16 DC  B O2    1 
ATOM   318 N N3    . DC  B 1 6  ? -0.948  1.438   2.163   1.00 17.59 ? 16 DC  B N3    1 
ATOM   319 C C4    . DC  B 1 6  ? -0.659  1.377   3.522   1.00 16.57 ? 16 DC  B C4    1 
ATOM   320 N N4    . DC  B 1 6  ? -0.767  0.172   4.107   1.00 17.58 ? 16 DC  B N4    1 
ATOM   321 C C5    . DC  B 1 6  ? -0.264  2.572   4.218   1.00 11.71 ? 16 DC  B C5    1 
ATOM   322 C C6    . DC  B 1 6  ? -0.129  3.690   3.465   1.00 11.37 ? 16 DC  B C6    1 
ATOM   323 P P     . DC  B 1 7  ? -2.308  8.983   -0.356  1.00 30.25 ? 17 DC  B P     1 
ATOM   324 O OP1   . DC  B 1 7  ? -1.966  9.851   -1.561  1.00 41.75 ? 17 DC  B OP1   1 
ATOM   325 O OP2   . DC  B 1 7  ? -2.702  9.777   0.911   1.00 26.24 ? 17 DC  B OP2   1 
ATOM   326 O "O5'" . DC  B 1 7  ? -3.482  8.046   -0.947  1.00 31.56 ? 17 DC  B "O5'" 1 
ATOM   327 C "C5'" . DC  B 1 7  ? -3.528  7.255   -2.118  1.00 12.43 ? 17 DC  B "C5'" 1 
ATOM   328 C "C4'" . DC  B 1 7  ? -4.594  6.217   -1.831  1.00 18.87 ? 17 DC  B "C4'" 1 
ATOM   329 O "O4'" . DC  B 1 7  ? -4.299  5.212   -0.907  1.00 19.33 ? 17 DC  B "O4'" 1 
ATOM   330 C "C3'" . DC  B 1 7  ? -5.954  6.727   -1.433  1.00 24.81 ? 17 DC  B "C3'" 1 
ATOM   331 O "O3'" . DC  B 1 7  ? -7.064  6.107   -2.334  1.00 21.32 ? 17 DC  B "O3'" 1 
ATOM   332 C "C2'" . DC  B 1 7  ? -6.167  6.266   -0.048  1.00 19.81 ? 17 DC  B "C2'" 1 
ATOM   333 C "C1'" . DC  B 1 7  ? -5.513  4.932   -0.145  1.00 8.34  ? 17 DC  B "C1'" 1 
ATOM   334 N N1    . DC  B 1 7  ? -5.093  4.346   1.147   1.00 17.00 ? 17 DC  B N1    1 
ATOM   335 C C2    . DC  B 1 7  ? -5.069  2.980   1.097   1.00 21.74 ? 17 DC  B C2    1 
ATOM   336 O O2    . DC  B 1 7  ? -5.487  2.470   -0.006  1.00 19.12 ? 17 DC  B O2    1 
ATOM   337 N N3    . DC  B 1 7  ? -4.634  2.330   2.207   1.00 14.86 ? 17 DC  B N3    1 
ATOM   338 C C4    . DC  B 1 7  ? -4.175  2.992   3.304   1.00 15.96 ? 17 DC  B C4    1 
ATOM   339 N N4    . DC  B 1 7  ? -3.802  2.227   4.293   1.00 8.93  ? 17 DC  B N4    1 
ATOM   340 C C5    . DC  B 1 7  ? -4.269  4.353   3.381   1.00 12.62 ? 17 DC  B C5    1 
ATOM   341 C C6    . DC  B 1 7  ? -4.706  5.038   2.266   1.00 12.77 ? 17 DC  B C6    1 
ATOM   342 P P     . DA  B 1 8  ? -7.734  7.247   -3.294  1.00 21.64 ? 18 DA  B P     1 
ATOM   343 O OP1   . DA  B 1 8  ? -6.586  7.694   -4.217  1.00 28.42 ? 18 DA  B OP1   1 
ATOM   344 O OP2   . DA  B 1 8  ? -8.500  8.176   -2.609  1.00 23.32 ? 18 DA  B OP2   1 
ATOM   345 O "O5'" . DA  B 1 8  ? -8.779  6.058   -3.839  1.00 29.20 ? 18 DA  B "O5'" 1 
ATOM   346 C "C5'" . DA  B 1 8  ? -8.126  5.063   -4.641  1.00 12.06 ? 18 DA  B "C5'" 1 
ATOM   347 C "C4'" . DA  B 1 8  ? -8.956  3.876   -4.495  1.00 15.72 ? 18 DA  B "C4'" 1 
ATOM   348 O "O4'" . DA  B 1 8  ? -8.833  3.332   -3.307  1.00 17.59 ? 18 DA  B "O4'" 1 
ATOM   349 C "C3'" . DA  B 1 8  ? -10.490 4.255   -4.639  1.00 19.40 ? 18 DA  B "C3'" 1 
ATOM   350 O "O3'" . DA  B 1 8  ? -10.970 3.111   -5.375  1.00 24.53 ? 18 DA  B "O3'" 1 
ATOM   351 C "C2'" . DA  B 1 8  ? -11.021 4.356   -3.230  1.00 15.64 ? 18 DA  B "C2'" 1 
ATOM   352 C "C1'" . DA  B 1 8  ? -10.106 3.435   -2.476  1.00 16.46 ? 18 DA  B "C1'" 1 
ATOM   353 N N9    . DA  B 1 8  ? -9.779  3.824   -1.085  1.00 18.96 ? 18 DA  B N9    1 
ATOM   354 C C8    . DA  B 1 8  ? -9.691  5.119   -0.595  1.00 11.33 ? 18 DA  B C8    1 
ATOM   355 N N7    . DA  B 1 8  ? -9.248  5.240   0.606   1.00 13.10 ? 18 DA  B N7    1 
ATOM   356 C C5    . DA  B 1 8  ? -9.103  3.887   0.987   1.00 13.92 ? 18 DA  B C5    1 
ATOM   357 C C6    . DA  B 1 8  ? -8.654  3.366   2.251   1.00 9.54  ? 18 DA  B C6    1 
ATOM   358 N N6    . DA  B 1 8  ? -8.364  4.151   3.282   1.00 13.27 ? 18 DA  B N6    1 
ATOM   359 N N1    . DA  B 1 8  ? -8.483  2.042   2.304   1.00 16.44 ? 18 DA  B N1    1 
ATOM   360 C C2    . DA  B 1 8  ? -8.804  1.216   1.212   1.00 15.37 ? 18 DA  B C2    1 
ATOM   361 N N3    . DA  B 1 8  ? -9.238  1.717   -0.044  1.00 16.84 ? 18 DA  B N3    1 
ATOM   362 C C4    . DA  B 1 8  ? -9.407  3.050   -0.026  1.00 13.88 ? 18 DA  B C4    1 
ATOM   363 P P     . DT  B 1 9  ? -12.480 2.738   -5.713  1.00 24.09 ? 19 DT  B P     1 
ATOM   364 O OP1   . DT  B 1 9  ? -12.264 1.818   -6.962  1.00 26.12 ? 19 DT  B OP1   1 
ATOM   365 O OP2   . DT  B 1 9  ? -13.086 4.073   -5.868  1.00 17.89 ? 19 DT  B OP2   1 
ATOM   366 O "O5'" . DT  B 1 9  ? -12.797 1.681   -4.590  1.00 16.27 ? 19 DT  B "O5'" 1 
ATOM   367 C "C5'" . DT  B 1 9  ? -12.334 0.393   -4.567  1.00 11.96 ? 19 DT  B "C5'" 1 
ATOM   368 C "C4'" . DT  B 1 9  ? -12.658 -0.219  -3.254  1.00 17.18 ? 19 DT  B "C4'" 1 
ATOM   369 O "O4'" . DT  B 1 9  ? -12.267 0.648   -2.213  1.00 14.05 ? 19 DT  B "O4'" 1 
ATOM   370 C "C3'" . DT  B 1 9  ? -14.208 -0.215  -3.092  1.00 16.17 ? 19 DT  B "C3'" 1 
ATOM   371 O "O3'" . DT  B 1 9  ? -14.630 -1.434  -3.687  1.00 22.95 ? 19 DT  B "O3'" 1 
ATOM   372 C "C2'" . DT  B 1 9  ? -14.414 -0.122  -1.605  1.00 13.80 ? 19 DT  B "C2'" 1 
ATOM   373 C "C1'" . DT  B 1 9  ? -13.140 0.127   -0.999  1.00 15.14 ? 19 DT  B "C1'" 1 
ATOM   374 N N1    . DT  B 1 9  ? -13.007 1.278   -0.070  1.00 14.85 ? 19 DT  B N1    1 
ATOM   375 C C2    . DT  B 1 9  ? -12.426 1.028   1.158   1.00 17.02 ? 19 DT  B C2    1 
ATOM   376 O O2    . DT  B 1 9  ? -12.096 -0.157  1.480   1.00 14.30 ? 19 DT  B O2    1 
ATOM   377 N N3    . DT  B 1 9  ? -12.224 2.122   2.007   1.00 13.06 ? 19 DT  B N3    1 
ATOM   378 C C4    . DT  B 1 9  ? -12.539 3.364   1.640   1.00 12.88 ? 19 DT  B C4    1 
ATOM   379 O O4    . DT  B 1 9  ? -12.201 4.105   2.569   1.00 17.59 ? 19 DT  B O4    1 
ATOM   380 C C5    . DT  B 1 9  ? -13.138 3.619   0.400   1.00 9.43  ? 19 DT  B C5    1 
ATOM   381 C C7    . DT  B 1 9  ? -13.533 5.012   -0.044  1.00 12.17 ? 19 DT  B C7    1 
ATOM   382 C C6    . DT  B 1 9  ? -13.378 2.585   -0.370  1.00 16.85 ? 19 DT  B C6    1 
ATOM   383 P P     . DG  B 1 10 ? -16.213 -1.955  -3.554  1.00 24.22 ? 20 DG  B P     1 
ATOM   384 O OP1   . DG  B 1 10 ? -15.952 -3.099  -4.500  1.00 23.68 ? 20 DG  B OP1   1 
ATOM   385 O OP2   . DG  B 1 10 ? -16.999 -0.773  -3.718  1.00 16.56 ? 20 DG  B OP2   1 
ATOM   386 O "O5'" . DG  B 1 10 ? -16.574 -2.757  -2.323  1.00 18.23 ? 20 DG  B "O5'" 1 
ATOM   387 C "C5'" . DG  B 1 10 ? -16.051 -3.923  -1.656  1.00 19.47 ? 20 DG  B "C5'" 1 
ATOM   388 C "C4'" . DG  B 1 10 ? -16.417 -3.922  -0.109  1.00 27.70 ? 20 DG  B "C4'" 1 
ATOM   389 O "O4'" . DG  B 1 10 ? -15.838 -2.780  0.540   1.00 15.79 ? 20 DG  B "O4'" 1 
ATOM   390 C "C3'" . DG  B 1 10 ? -17.896 -3.966  0.305   1.00 13.79 ? 20 DG  B "C3'" 1 
ATOM   391 O "O3'" . DG  B 1 10 ? -18.094 -5.167  1.167   1.00 16.68 ? 20 DG  B "O3'" 1 
ATOM   392 C "C2'" . DG  B 1 10 ? -18.172 -2.661  0.913   1.00 12.53 ? 20 DG  B "C2'" 1 
ATOM   393 C "C1'" . DG  B 1 10 ? -16.799 -2.171  1.415   1.00 13.81 ? 20 DG  B "C1'" 1 
ATOM   394 N N9    . DG  B 1 10 ? -16.578 -0.771  1.477   1.00 10.93 ? 20 DG  B N9    1 
ATOM   395 C C8    . DG  B 1 10 ? -16.923 0.301   0.671   1.00 14.30 ? 20 DG  B C8    1 
ATOM   396 N N7    . DG  B 1 10 ? -16.545 1.450   1.051   1.00 14.47 ? 20 DG  B N7    1 
ATOM   397 C C5    . DG  B 1 10 ? -15.920 1.213   2.271   1.00 14.26 ? 20 DG  B C5    1 
ATOM   398 C C6    . DG  B 1 10 ? -15.270 2.105   3.199   1.00 16.20 ? 20 DG  B C6    1 
ATOM   399 O O6    . DG  B 1 10 ? -15.169 3.416   3.124   1.00 17.95 ? 20 DG  B O6    1 
ATOM   400 N N1    . DG  B 1 10 ? -14.817 1.457   4.234   1.00 15.94 ? 20 DG  B N1    1 
ATOM   401 C C2    . DG  B 1 10 ? -14.875 0.106   4.372   1.00 15.96 ? 20 DG  B C2    1 
ATOM   402 N N2    . DG  B 1 10 ? -14.448 -0.471  5.526   1.00 16.67 ? 20 DG  B N2    1 
ATOM   403 N N3    . DG  B 1 10 ? -15.394 -0.742  3.549   1.00 16.43 ? 20 DG  B N3    1 
ATOM   404 C C4    . DG  B 1 10 ? -15.913 -0.086  2.514   1.00 11.23 ? 20 DG  B C4    1 
HETATM 405 O O     . HOH C 2 .  ? -5.216  -1.505  9.050   1.00 23.70 ? 21 HOH A O     1 
HETATM 406 O O     . HOH C 2 .  ? -3.015  -1.492  6.526   1.00 15.21 ? 22 HOH A O     1 
HETATM 407 O O     . HOH C 2 .  ? 7.053   0.065   -10.468 1.00 25.82 ? 23 HOH A O     1 
HETATM 408 O O     . HOH C 2 .  ? 6.078   1.434   -12.083 1.00 13.49 ? 24 HOH A O     1 
HETATM 409 O O     . HOH C 2 .  ? 1.171   -3.227  3.751   1.00 33.69 ? 31 HOH A O     1 
HETATM 410 O O     . HOH C 2 .  ? -13.634 0.229   15.916  1.00 32.94 ? 37 HOH A O     1 
HETATM 411 O O     . HOH C 2 .  ? -1.396  -3.663  5.186   1.00 30.72 ? 38 HOH A O     1 
HETATM 412 O O     . HOH C 2 .  ? -15.190 -1.339  8.716   1.00 34.19 ? 39 HOH A O     1 
HETATM 413 O O     . HOH C 2 .  ? 5.015   3.724   -4.190  1.00 20.47 ? 40 HOH A O     1 
HETATM 414 O O     . HOH C 2 .  ? -6.295  -1.967  13.243  1.00 28.67 ? 41 HOH A O     1 
HETATM 415 O O     . HOH C 2 .  ? -1.267  -6.071  -5.764  1.00 29.90 ? 43 HOH A O     1 
HETATM 416 O O     . HOH C 2 .  ? -7.022  9.893   9.498   1.00 30.69 ? 45 HOH A O     1 
HETATM 417 O O     . HOH C 2 .  ? 9.371   4.380   -11.135 1.00 28.28 ? 48 HOH A O     1 
HETATM 418 O O     . HOH C 2 .  ? -9.096  -4.236  14.827  1.00 28.23 ? 49 HOH A O     1 
HETATM 419 O O     . HOH C 2 .  ? 11.731  -3.402  -11.399 1.00 27.16 ? 52 HOH A O     1 
HETATM 420 O O     . HOH C 2 .  ? 9.848   -2.493  -9.669  1.00 35.37 ? 53 HOH A O     1 
HETATM 421 O O     . HOH C 2 .  ? 4.799   -0.228  -11.212 1.00 30.27 ? 56 HOH A O     1 
HETATM 422 O O     . HOH C 2 .  ? -7.776  -3.113  -0.940  1.00 25.96 ? 59 HOH A O     1 
HETATM 423 O O     . HOH C 2 .  ? -5.362  -1.183  -3.084  1.00 35.48 ? 61 HOH A O     1 
HETATM 424 O O     . HOH C 2 .  ? -6.402  -3.682  -5.087  1.00 30.79 ? 62 HOH A O     1 
HETATM 425 O O     . HOH C 2 .  ? 3.500   -2.530  -9.230  1.00 37.04 ? 65 HOH A O     1 
HETATM 426 O O     . HOH C 2 .  ? -10.488 -3.269  5.435   1.00 39.98 ? 67 HOH A O     1 
HETATM 427 O O     . HOH C 2 .  ? 3.408   7.236   -2.681  1.00 36.18 ? 68 HOH A O     1 
HETATM 428 O O     . HOH C 2 .  ? 7.278   -3.001  -8.710  1.00 50.29 ? 69 HOH A O     1 
HETATM 429 O O     . HOH D 2 .  ? -14.566 4.375   -3.196  1.00 19.91 ? 25 HOH B O     1 
HETATM 430 O O     . HOH D 2 .  ? 7.911   -7.020  1.054   1.00 23.02 ? 26 HOH B O     1 
HETATM 431 O O     . HOH D 2 .  ? -16.482 5.428   1.981   1.00 27.68 ? 27 HOH B O     1 
HETATM 432 O O     . HOH D 2 .  ? -0.228  6.385   5.254   1.00 23.72 ? 28 HOH B O     1 
HETATM 433 O O     . HOH D 2 .  ? -2.468  1.059   7.345   1.00 22.16 ? 29 HOH B O     1 
HETATM 434 O O     . HOH D 2 .  ? 9.934   0.766   1.651   1.00 28.52 ? 30 HOH B O     1 
HETATM 435 O O     . HOH D 2 .  ? 13.813  -1.086  0.456   1.00 22.40 ? 32 HOH B O     1 
HETATM 436 O O     . HOH D 2 .  ? -2.911  3.198   6.658   1.00 15.07 ? 33 HOH B O     1 
HETATM 437 O O     . HOH D 2 .  ? 0.261   0.945   7.292   1.00 18.93 ? 34 HOH B O     1 
HETATM 438 O O     . HOH D 2 .  ? 12.562  -3.258  0.248   1.00 25.68 ? 35 HOH B O     1 
HETATM 439 O O     . HOH D 2 .  ? -14.353 -3.265  3.800   1.00 31.82 ? 36 HOH B O     1 
HETATM 440 O O     . HOH D 2 .  ? -12.407 6.322   1.976   1.00 52.52 ? 42 HOH B O     1 
HETATM 441 O O     . HOH D 2 .  ? 11.297  -9.190  -9.070  1.00 34.92 ? 44 HOH B O     1 
HETATM 442 O O     . HOH D 2 .  ? -1.039  9.932   8.607   1.00 34.36 ? 46 HOH B O     1 
HETATM 443 O O     . HOH D 2 .  ? 4.671   11.235  5.676   1.00 28.48 ? 47 HOH B O     1 
HETATM 444 O O     . HOH D 2 .  ? 6.238   -5.559  5.453   1.00 41.03 ? 50 HOH B O     1 
HETATM 445 O O     . HOH D 2 .  ? 15.456  -2.865  1.859   1.00 32.88 ? 51 HOH B O     1 
HETATM 446 O O     . HOH D 2 .  ? 4.736   -4.667  1.183   1.00 29.55 ? 54 HOH B O     1 
HETATM 447 O O     . HOH D 2 .  ? 15.091  0.772   1.499   1.00 36.75 ? 55 HOH B O     1 
HETATM 448 O O     . HOH D 2 .  ? -12.143 -3.331  -1.293  1.00 31.47 ? 57 HOH B O     1 
HETATM 449 O O     . HOH D 2 .  ? -4.709  4.804   -5.271  1.00 35.51 ? 58 HOH B O     1 
HETATM 450 O O     . HOH D 2 .  ? -2.709  6.238   -9.385  1.00 38.68 ? 60 HOH B O     1 
HETATM 451 O O     . HOH D 2 .  ? -9.013  -0.507  -1.973  1.00 19.83 ? 63 HOH B O     1 
HETATM 452 O O     . HOH D 2 .  ? 11.285  -1.457  0.029   1.00 32.37 ? 64 HOH B O     1 
HETATM 453 O O     . HOH D 2 .  ? 3.435   -3.647  3.607   1.00 20.69 ? 66 HOH B O     1 
# 
